data_1FN4
#
_entry.id   1FN4
#
_cell.length_a   169.780
_cell.length_b   169.780
_cell.length_c   182.570
_cell.angle_alpha   90.00
_cell.angle_beta   90.00
_cell.angle_gamma   90.00
#
_symmetry.space_group_name_H-M   'I 41 2 2'
#
loop_
_entity.id
_entity.type
_entity.pdbx_description
1 polymer 'MONOCLONAL ANTIBODY AGAINST ACETYLCHOLINE RECEPTOR'
2 polymer 'MONOCLONAL ANTIBODY AGAINST ACETYLCHOLINE RECEPTOR'
3 water water
#
loop_
_entity_poly.entity_id
_entity_poly.type
_entity_poly.pdbx_seq_one_letter_code
_entity_poly.pdbx_strand_id
1 'polypeptide(L)'
;DIKLTQSPSLLSASVGDRVTLSCKGSQNINNYLAWYQQKLGEAPKLLIYNTNSLQTGIPSRFSGSGSGTDYTLTISSLQP
EDVATYFCYQYNNGYTFGAGTKLELKRTAPTVSIFPPSTEQLATGGASVVCLMNNFYPRDISVKWKIDGTERRDGVLDSV
TDQDSKDSTYSMSSTLSLTKADYESHNLYTCEVVHKTSSSPVVKSFNRNEC
;
A,C
2 'polypeptide(L)'
;QVQLLESGPGLVRPSETLSLTCTVSGFSLTSFSVSWVRHPSGKGPEWMGRMWYDGYTAYNSALKSRLSISRDTSKNQVFL
KMNSLQTDDTGTYYCTRDLYGGYPLGFWYFDFWGPGTMVTVSSVFPLAPGSAAQTNSMVTLGCLVKGYFPEPVTVTWNSG
ALSSGVHTFPAVLQSGLYTLTSSVTVPSSTWSSQAVTCNVAHPASSTKVDKKIVPRDC
;
B,D
#
# COMPACT_ATOMS: atom_id res chain seq x y z
N ASP A 1 -30.48 5.49 14.41
CA ASP A 1 -29.83 5.25 15.75
C ASP A 1 -29.89 6.48 16.61
N ILE A 2 -28.99 6.54 17.59
CA ILE A 2 -28.97 7.69 18.48
C ILE A 2 -27.81 8.62 18.18
N LYS A 3 -28.00 9.92 18.22
CA LYS A 3 -26.86 10.77 17.96
C LYS A 3 -26.34 11.16 19.33
N LEU A 4 -25.03 11.13 19.53
CA LEU A 4 -24.46 11.49 20.82
C LEU A 4 -23.86 12.89 20.78
N THR A 5 -24.15 13.73 21.77
CA THR A 5 -23.59 15.10 21.78
C THR A 5 -22.59 15.33 22.95
N GLN A 6 -21.43 15.98 22.70
CA GLN A 6 -20.36 15.96 23.74
C GLN A 6 -19.80 17.33 24.15
N SER A 7 -20.88 18.14 24.45
CA SER A 7 -21.02 19.62 24.86
C SER A 7 -19.69 20.36 24.87
N PRO A 8 -18.95 20.79 25.95
CA PRO A 8 -17.66 21.36 25.66
C PRO A 8 -16.88 20.43 24.83
N SER A 9 -16.55 21.00 23.69
CA SER A 9 -15.76 20.39 22.64
C SER A 9 -14.31 20.32 23.08
N LEU A 10 -13.93 21.39 23.75
CA LEU A 10 -12.59 21.56 24.32
C LEU A 10 -12.74 22.17 25.70
N LEU A 11 -12.09 21.55 26.65
CA LEU A 11 -12.13 22.02 28.04
C LEU A 11 -10.77 21.78 28.67
N SER A 12 -10.28 22.79 29.34
CA SER A 12 -8.96 22.73 29.97
C SER A 12 -9.00 23.17 31.44
N ALA A 13 -8.30 22.40 32.24
CA ALA A 13 -8.18 22.67 33.67
C ALA A 13 -6.74 22.46 34.10
N SER A 14 -6.54 22.27 35.39
CA SER A 14 -5.19 22.12 35.92
C SER A 14 -5.01 20.93 36.91
N VAL A 15 -3.83 20.31 36.92
CA VAL A 15 -3.62 19.16 37.80
C VAL A 15 -4.33 19.45 39.10
N GLY A 16 -5.03 18.49 39.66
CA GLY A 16 -5.74 18.73 40.90
C GLY A 16 -7.21 18.95 40.55
N ASP A 17 -7.41 19.96 39.74
CA ASP A 17 -8.75 20.33 39.24
C ASP A 17 -9.57 19.05 38.97
N ARG A 18 -10.80 19.07 39.47
CA ARG A 18 -11.77 17.99 39.20
C ARG A 18 -12.58 18.40 37.99
N VAL A 19 -12.49 17.61 36.95
CA VAL A 19 -13.18 17.94 35.70
C VAL A 19 -14.38 17.04 35.49
N THR A 20 -15.31 17.57 34.73
CA THR A 20 -16.54 16.85 34.38
C THR A 20 -16.83 17.02 32.89
N LEU A 21 -17.01 15.89 32.23
CA LEU A 21 -17.25 15.83 30.77
C LEU A 21 -18.70 15.35 30.47
N SER A 22 -19.32 15.91 29.41
CA SER A 22 -20.72 15.55 29.07
C SER A 22 -20.88 14.92 27.67
N CYS A 23 -22.01 14.23 27.56
CA CYS A 23 -22.45 13.49 26.37
C CYS A 23 -23.95 13.21 26.54
N LYS A 24 -24.76 13.51 25.53
CA LYS A 24 -26.21 13.29 25.68
C LYS A 24 -26.86 12.86 24.37
N GLY A 25 -27.37 11.63 24.41
CA GLY A 25 -28.05 11.00 23.27
C GLY A 25 -29.37 11.73 22.95
N SER A 26 -29.84 11.49 21.75
CA SER A 26 -31.09 12.09 21.23
C SER A 26 -32.29 11.19 21.52
N GLN A 27 -32.00 10.15 22.25
CA GLN A 27 -32.98 9.15 22.67
C GLN A 27 -32.41 8.37 23.87
N ASN A 28 -33.24 8.19 24.88
CA ASN A 28 -32.86 7.44 26.09
C ASN A 28 -31.87 6.32 25.70
N ILE A 29 -30.64 6.47 26.13
CA ILE A 29 -29.58 5.49 25.82
C ILE A 29 -29.46 4.49 27.00
N ASN A 30 -31.45 3.56 27.56
CA ASN A 30 -30.86 3.56 28.89
C ASN A 30 -29.59 2.70 28.85
N ASN A 31 -28.74 3.84 29.98
CA ASN A 31 -27.54 3.53 30.70
C ASN A 31 -26.51 2.67 29.99
N TYR A 32 -26.93 2.33 28.38
CA TYR A 32 -25.63 1.80 27.98
C TYR A 32 -24.82 2.87 27.26
N LEU A 33 -23.75 3.32 28.13
CA LEU A 33 -22.88 4.35 27.59
C LEU A 33 -21.48 3.97 27.98
N ALA A 34 -20.49 4.33 27.17
CA ALA A 34 -19.10 3.98 27.50
C ALA A 34 -18.22 5.11 27.14
N TRP A 35 -17.19 5.32 27.95
CA TRP A 35 -16.25 6.39 27.75
C TRP A 35 -14.92 5.76 27.31
N TYR A 36 -14.48 6.18 26.15
CA TYR A 36 -13.21 5.73 25.55
C TYR A 36 -12.27 6.93 25.45
N GLN A 37 -11.05 6.78 25.95
CA GLN A 37 -10.06 7.89 25.94
C GLN A 37 -9.06 7.67 24.79
N GLN A 38 -8.18 9.68 23.71
CA GLN A 38 -7.86 8.50 22.88
C GLN A 38 -6.36 8.44 23.08
N LYS A 39 -5.82 9.67 22.97
CA LYS A 39 -4.42 9.91 23.26
C LYS A 39 -3.57 9.58 22.02
N LEU A 40 -3.67 10.66 21.27
CA LEU A 40 -3.13 11.09 19.95
C LEU A 40 -3.04 10.14 18.77
N GLY A 41 -2.04 9.26 18.95
CA GLY A 41 -1.59 8.16 18.02
C GLY A 41 -1.44 6.82 18.75
N GLU A 42 -2.47 6.56 19.46
CA GLU A 42 -2.73 5.31 20.18
C GLU A 42 -4.13 4.86 19.78
N ALA A 43 -4.54 3.72 20.27
CA ALA A 43 -5.88 3.20 20.03
C ALA A 43 -6.75 3.58 21.23
N PRO A 44 -8.03 3.90 21.08
CA PRO A 44 -8.82 4.32 22.22
C PRO A 44 -8.83 3.29 23.31
N LYS A 45 -8.93 3.84 24.51
CA LYS A 45 -8.96 3.09 25.76
C LYS A 45 -10.35 3.20 26.41
N LEU A 46 -10.88 2.05 26.77
CA LEU A 46 -12.15 1.97 27.50
C LEU A 46 -11.83 2.42 28.91
N LEU A 47 -12.44 3.50 29.38
CA LEU A 47 -12.18 3.95 30.75
C LEU A 47 -13.29 3.29 31.60
N ILE A 48 -14.53 3.75 31.41
CA ILE A 48 -15.69 3.07 32.04
C ILE A 48 -16.65 2.54 30.97
N TYR A 49 -17.56 1.65 31.38
CA TYR A 49 -18.59 1.12 30.47
C TYR A 49 -19.99 1.10 31.12
N ASN A 50 -20.90 0.44 30.41
CA ASN A 50 -22.37 0.56 30.67
C ASN A 50 -22.64 1.21 32.04
N THR A 51 -22.56 2.52 31.71
CA THR A 51 -22.82 3.84 32.39
C THR A 51 -21.81 4.34 33.44
N ASN A 52 -21.32 3.49 34.31
CA ASN A 52 -20.46 4.00 35.41
C ASN A 52 -19.51 2.93 35.97
N SER A 53 -18.69 2.28 35.15
CA SER A 53 -18.11 1.03 35.66
C SER A 53 -16.67 0.76 35.28
N LEU A 54 -15.80 1.51 35.94
CA LEU A 54 -14.32 1.48 35.81
C LEU A 54 -13.84 0.18 35.16
N GLN A 55 -13.19 0.27 33.99
CA GLN A 55 -12.63 -0.94 33.37
C GLN A 55 -11.53 -1.42 34.31
N THR A 56 -11.10 -2.60 34.05
CA THR A 56 -10.15 -3.29 34.93
C THR A 56 -8.73 -2.75 34.92
N GLY A 57 -8.55 -1.48 34.68
CA GLY A 57 -7.18 -0.93 34.65
C GLY A 57 -7.18 0.58 34.81
N ILE A 58 -8.28 1.15 34.38
CA ILE A 58 -8.48 2.59 34.46
C ILE A 58 -8.42 3.10 35.96
N PRO A 59 -7.55 4.08 36.52
CA PRO A 59 -7.71 4.41 37.92
C PRO A 59 -9.09 4.91 38.16
N SER A 60 -9.23 5.17 39.44
CA SER A 60 -10.48 5.52 40.10
C SER A 60 -10.87 7.01 40.03
N ARG A 61 -10.03 7.87 39.46
CA ARG A 61 -10.44 9.29 39.32
C ARG A 61 -11.48 9.38 38.19
N PHE A 62 -11.68 8.22 37.57
CA PHE A 62 -12.65 8.04 36.47
C PHE A 62 -13.94 7.54 37.10
N SER A 63 -15.06 7.83 36.47
CA SER A 63 -16.27 7.66 37.22
C SER A 63 -17.39 8.22 36.32
N GLY A 64 -18.33 7.27 36.07
CA GLY A 64 -19.51 7.36 35.13
C GLY A 64 -20.77 7.70 35.90
N SER A 65 -21.79 8.07 35.17
CA SER A 65 -22.96 8.61 35.84
C SER A 65 -23.95 9.17 34.83
N GLY A 66 -25.21 8.75 34.94
CA GLY A 66 -26.25 9.26 34.03
C GLY A 66 -27.54 8.42 34.09
N SER A 67 -28.44 8.83 33.23
CA SER A 67 -29.76 8.21 33.06
C SER A 67 -30.17 8.48 31.63
N GLY A 68 -30.73 7.47 31.01
CA GLY A 68 -31.17 7.60 29.61
C GLY A 68 -31.07 9.05 29.12
N THR A 69 -30.34 9.19 28.05
CA THR A 69 -30.13 10.48 27.37
C THR A 69 -28.93 11.20 27.92
N ASP A 70 -28.95 11.72 29.14
CA ASP A 70 -27.82 12.47 29.66
C ASP A 70 -26.92 11.64 30.59
N TYR A 71 -25.63 11.66 30.23
CA TYR A 71 -24.55 10.94 30.95
C TYR A 71 -23.38 11.87 31.23
N THR A 72 -22.37 11.37 31.95
CA THR A 72 -21.25 12.25 32.30
C THR A 72 -19.99 11.53 32.83
N LEU A 73 -18.82 11.95 32.34
CA LEU A 73 -17.57 11.34 32.81
C LEU A 73 -16.86 12.41 33.61
N THR A 74 -16.75 12.24 34.94
CA THR A 74 -15.84 13.15 35.63
C THR A 74 -14.48 12.53 36.00
N ILE A 75 -13.47 13.40 36.02
CA ILE A 75 -12.12 13.05 36.49
C ILE A 75 -11.82 13.85 37.75
N SER A 76 -12.17 13.27 38.89
CA SER A 76 -11.96 13.87 40.23
C SER A 76 -10.46 13.92 40.64
N SER A 77 -9.70 14.83 40.03
CA SER A 77 -8.24 15.01 40.33
C SER A 77 -7.42 14.93 39.05
N LEU A 78 -7.65 15.89 38.18
CA LEU A 78 -6.94 15.97 36.90
C LEU A 78 -5.46 15.72 37.15
N GLN A 79 -4.91 13.88 36.36
CA GLN A 79 -3.56 14.43 36.42
C GLN A 79 -3.04 15.03 35.12
N PRO A 80 -1.72 15.28 35.11
CA PRO A 80 -0.99 15.81 33.96
C PRO A 80 -1.03 14.90 32.74
N GLU A 81 -1.02 13.57 32.96
CA GLU A 81 -1.13 12.60 31.84
C GLU A 81 -2.57 12.14 31.72
N ASP A 82 -3.42 13.08 31.41
CA ASP A 82 -4.84 12.81 31.21
C ASP A 82 -5.20 13.62 30.01
N VAL A 83 -4.29 14.53 29.57
CA VAL A 83 -4.66 15.15 28.32
C VAL A 83 -4.76 14.02 27.34
N ALA A 84 -5.88 14.13 26.67
CA ALA A 84 -6.33 13.19 25.64
C ALA A 84 -7.64 13.70 25.02
N THR A 85 -8.23 12.92 24.12
CA THR A 85 -9.61 13.22 23.72
C THR A 85 -10.48 12.06 24.18
N TYR A 86 -11.55 12.40 24.84
CA TYR A 86 -12.49 11.41 25.38
C TYR A 86 -13.77 11.38 24.55
N PHE A 87 -14.07 10.18 24.09
CA PHE A 87 -15.27 9.90 23.29
C PHE A 87 -16.21 9.02 24.09
N CYS A 88 -17.47 9.34 24.01
CA CYS A 88 -18.50 8.56 24.65
C CYS A 88 -19.17 7.71 23.56
N TYR A 89 -19.35 6.45 23.86
CA TYR A 89 -19.94 5.49 22.91
C TYR A 89 -21.27 4.99 23.47
N GLN A 90 -22.29 5.05 22.63
CA GLN A 90 -23.66 4.68 23.00
C GLN A 90 -24.16 3.46 22.24
N TYR A 91 -24.40 2.38 22.97
CA TYR A 91 -24.82 1.14 22.32
C TYR A 91 -26.18 0.59 22.77
N ASN A 92 -27.01 1.42 23.37
CA ASN A 92 -28.36 0.96 23.72
C ASN A 92 -29.10 0.83 22.40
N ASN A 93 -29.09 1.87 21.58
CA ASN A 93 -29.89 1.74 20.37
C ASN A 93 -29.12 1.15 19.22
N GLY A 94 -28.00 1.86 18.88
CA GLY A 94 -27.24 1.51 17.65
C GLY A 94 -25.76 1.68 17.44
N TYR A 95 -24.90 2.21 18.42
CA TYR A 95 -23.48 1.85 18.29
C TYR A 95 -22.86 3.12 17.67
N THR A 96 -23.04 4.27 18.36
CA THR A 96 -22.45 5.55 17.88
C THR A 96 -21.62 6.25 18.96
N PHE A 97 -20.59 6.92 18.45
CA PHE A 97 -19.63 7.71 19.25
C PHE A 97 -20.02 9.18 19.25
N GLY A 98 -19.19 9.92 19.95
CA GLY A 98 -19.37 11.37 20.12
C GLY A 98 -18.18 12.11 19.51
N ALA A 99 -18.49 13.33 19.12
CA ALA A 99 -17.50 14.23 18.52
C ALA A 99 -16.19 14.13 19.30
N GLY A 100 -16.35 13.92 20.59
CA GLY A 100 -15.24 13.83 21.55
C GLY A 100 -15.04 15.20 22.18
N THR A 101 -14.20 15.24 23.20
CA THR A 101 -13.93 16.50 23.90
C THR A 101 -12.45 16.60 24.26
N LYS A 102 -11.74 17.56 23.68
CA LYS A 102 -10.34 17.72 24.06
C LYS A 102 -10.32 18.12 25.54
N LEU A 103 -9.12 18.05 26.08
CA LEU A 103 -8.84 18.34 27.50
C LEU A 103 -7.38 18.70 27.64
N GLU A 104 -7.16 19.97 27.85
CA GLU A 104 -5.84 20.50 28.05
C GLU A 104 -5.68 20.95 29.47
N LEU A 105 -4.50 20.83 29.97
CA LEU A 105 -4.22 21.36 31.29
C LEU A 105 -3.89 22.82 31.07
N LYS A 106 -3.02 23.26 31.91
CA LYS A 106 -2.48 24.61 31.92
C LYS A 106 -1.13 24.54 32.83
N ARG A 107 -0.13 25.54 32.77
CA ARG A 107 1.25 25.46 33.54
C ARG A 107 2.20 26.84 33.25
N THR A 108 3.42 26.72 32.42
CA THR A 108 4.40 27.88 31.74
C THR A 108 6.05 27.76 31.77
N ALA A 109 6.76 27.79 30.49
CA ALA A 109 8.34 27.85 30.24
C ALA A 109 8.96 27.05 28.94
N PRO A 110 9.83 27.71 27.96
CA PRO A 110 10.54 27.07 26.70
C PRO A 110 11.87 26.18 26.86
N THR A 111 13.20 26.73 25.91
CA THR A 111 14.22 25.74 25.54
C THR A 111 14.30 25.50 24.00
N VAL A 112 15.53 25.82 23.46
CA VAL A 112 15.93 25.79 21.99
C VAL A 112 17.35 25.19 21.67
N SER A 113 17.55 24.99 20.33
CA SER A 113 18.80 24.46 19.69
C SER A 113 18.61 24.35 18.13
N ILE A 114 19.66 24.75 17.38
CA ILE A 114 19.67 24.75 15.88
C ILE A 114 20.53 23.57 15.31
N PHE A 115 20.18 23.14 14.06
CA PHE A 115 20.90 22.03 13.33
C PHE A 115 20.99 22.27 11.78
N PRO A 116 22.19 22.59 11.23
CA PRO A 116 22.42 22.79 9.74
C PRO A 116 22.19 21.47 8.92
N PRO A 117 22.26 21.38 7.50
CA PRO A 117 22.05 20.10 6.79
C PRO A 117 23.13 19.10 7.12
N SER A 118 22.83 17.88 6.69
CA SER A 118 23.71 16.70 6.85
C SER A 118 24.77 16.57 5.77
N THR A 119 25.99 15.99 6.09
CA THR A 119 26.95 16.13 5.01
C THR A 119 26.17 15.77 3.75
N GLU A 120 25.49 14.63 4.01
CA GLU A 120 24.61 13.92 3.09
C GLU A 120 23.51 14.83 2.59
N GLN A 121 22.57 15.07 3.49
CA GLN A 121 21.42 15.92 3.20
C GLN A 121 21.85 17.08 2.30
N LEU A 122 23.07 17.53 2.48
CA LEU A 122 23.59 18.62 1.66
C LEU A 122 24.02 18.09 0.31
N ALA A 123 24.98 17.20 0.38
CA ALA A 123 25.54 16.56 -0.79
C ALA A 123 24.44 16.21 -1.79
N THR A 124 22.73 16.42 -1.19
CA THR A 124 22.22 16.19 -2.54
C THR A 124 21.06 17.15 -2.84
N GLY A 125 22.05 18.41 -3.25
CA GLY A 125 21.57 19.71 -3.76
C GLY A 125 20.64 20.33 -2.77
N GLY A 126 20.61 20.10 -1.73
CA GLY A 126 19.78 20.62 -0.72
C GLY A 126 20.43 20.62 0.64
N ALA A 127 20.11 21.71 1.29
CA ALA A 127 20.48 21.96 2.66
C ALA A 127 19.20 22.22 3.47
N SER A 128 18.96 21.49 4.55
CA SER A 128 17.82 21.88 5.40
C SER A 128 18.21 22.00 6.86
N VAL A 129 18.18 23.26 7.26
CA VAL A 129 18.45 23.73 8.62
C VAL A 129 17.16 23.66 9.43
N VAL A 130 17.25 23.47 10.74
CA VAL A 130 15.99 23.24 11.46
C VAL A 130 16.15 23.39 12.99
N CYS A 131 15.53 24.49 13.41
CA CYS A 131 15.46 25.01 14.80
C CYS A 131 14.33 24.31 15.60
N LEU A 132 14.74 23.60 16.66
CA LEU A 132 13.81 22.82 17.55
C LEU A 132 13.37 23.67 18.74
N MET A 133 12.58 23.06 20.20
CA MET A 133 12.10 24.42 20.52
C MET A 133 11.12 23.88 21.61
N ASN A 134 11.78 22.85 22.25
CA ASN A 134 11.32 21.79 23.22
C ASN A 134 10.82 22.24 24.60
N ASN A 135 9.83 21.45 24.99
CA ASN A 135 9.10 21.51 26.28
C ASN A 135 8.90 22.96 26.77
N PHE A 136 8.19 23.75 25.98
CA PHE A 136 7.86 25.16 26.33
C PHE A 136 6.37 25.26 26.68
N TYR A 137 6.02 26.11 27.69
CA TYR A 137 4.59 26.17 28.13
C TYR A 137 3.58 26.96 27.25
N PRO A 138 3.26 28.28 27.36
CA PRO A 138 2.18 28.81 26.55
C PRO A 138 2.39 28.39 25.15
N ARG A 139 1.62 27.41 24.80
CA ARG A 139 1.63 26.82 23.49
C ARG A 139 1.99 27.87 22.47
N ASP A 140 1.70 29.15 22.73
CA ASP A 140 2.17 30.03 21.70
C ASP A 140 3.39 30.82 21.97
N ILE A 141 4.10 30.63 20.89
CA ILE A 141 5.38 31.14 20.57
C ILE A 141 5.31 32.00 19.31
N SER A 142 6.27 31.70 18.44
CA SER A 142 6.46 32.39 17.15
C SER A 142 7.95 32.49 16.87
N VAL A 143 8.38 31.99 15.72
CA VAL A 143 9.81 32.02 15.36
C VAL A 143 10.09 33.07 14.29
N LYS A 144 11.37 33.10 13.95
CA LYS A 144 11.91 34.00 12.94
C LYS A 144 13.25 33.46 12.44
N TRP A 145 13.20 32.97 11.21
CA TRP A 145 14.39 32.44 10.53
C TRP A 145 15.12 33.52 9.77
N LYS A 146 16.24 33.86 10.32
CA LYS A 146 17.15 34.79 9.71
C LYS A 146 18.21 33.97 8.97
N ILE A 147 19.13 34.78 8.50
CA ILE A 147 20.36 34.42 7.77
C ILE A 147 21.22 35.69 7.61
N ASP A 148 22.51 35.72 8.02
CA ASP A 148 23.29 36.90 7.57
C ASP A 148 22.88 36.80 6.11
N GLY A 149 22.03 38.65 8.70
CA GLY A 149 21.24 39.87 8.78
C GLY A 149 19.90 39.59 8.16
N THR A 150 18.72 37.97 7.42
CA THR A 150 18.89 38.52 6.06
C THR A 150 17.69 39.40 5.73
N GLU A 151 17.02 37.16 7.00
CA GLU A 151 15.72 36.73 7.51
C GLU A 151 14.82 36.19 6.37
N ARG A 152 15.20 35.01 5.87
CA ARG A 152 14.39 34.35 4.83
C ARG A 152 13.14 33.78 5.51
N ARG A 153 11.72 33.77 4.89
CA ARG A 153 10.72 34.16 5.90
C ARG A 153 9.92 32.93 6.30
N ASP A 154 9.74 32.72 3.25
CA ASP A 154 9.71 31.28 3.49
C ASP A 154 11.04 30.71 3.04
N GLY A 155 9.93 28.94 2.83
CA GLY A 155 10.58 27.69 2.44
C GLY A 155 10.75 26.85 3.74
N VAL A 156 10.15 27.36 4.86
CA VAL A 156 10.12 26.64 6.17
C VAL A 156 8.72 26.08 6.40
N LEU A 157 8.64 25.24 7.38
CA LEU A 157 7.44 24.45 7.68
C LEU A 157 7.65 23.73 9.01
N ASP A 158 6.80 24.01 9.99
CA ASP A 158 6.98 23.42 11.36
C ASP A 158 5.69 22.69 11.86
N SER A 159 5.85 22.05 13.03
CA SER A 159 4.80 21.28 13.76
C SER A 159 4.95 21.58 15.27
N VAL A 160 4.09 21.07 16.15
CA VAL A 160 4.30 21.39 17.59
C VAL A 160 4.15 20.19 18.55
N THR A 161 3.61 19.16 17.88
CA THR A 161 3.42 17.99 18.77
C THR A 161 2.22 18.28 19.74
N ASP A 162 1.85 17.27 20.57
CA ASP A 162 0.71 17.39 21.55
C ASP A 162 1.21 17.63 23.01
N GLN A 163 0.24 18.01 23.89
CA GLN A 163 0.48 18.27 25.36
C GLN A 163 0.99 16.93 25.97
N ASP A 164 2.09 17.02 26.71
CA ASP A 164 2.76 15.84 27.30
C ASP A 164 1.90 15.05 28.24
N SER A 165 2.14 13.75 28.25
CA SER A 165 1.44 12.91 29.20
C SER A 165 1.84 13.41 30.58
N LYS A 166 3.18 13.58 30.60
CA LYS A 166 4.06 13.87 31.77
C LYS A 166 4.18 15.36 32.22
N ASP A 167 4.88 16.21 31.44
CA ASP A 167 5.11 17.63 31.85
C ASP A 167 4.46 18.63 30.87
N SER A 168 3.14 18.62 30.95
CA SER A 168 2.15 19.43 30.18
C SER A 168 2.73 20.53 29.26
N THR A 169 3.91 20.34 28.71
CA THR A 169 4.50 21.32 27.77
C THR A 169 4.31 20.88 26.32
N TYR A 170 4.35 22.00 25.39
CA TYR A 170 4.49 21.60 23.98
C TYR A 170 5.94 21.70 23.54
N SER A 171 6.14 21.27 22.32
CA SER A 171 7.42 21.30 21.62
C SER A 171 7.13 21.75 20.19
N MET A 172 8.13 22.25 19.52
CA MET A 172 7.90 22.75 18.16
C MET A 172 9.16 22.77 17.38
N SER A 173 9.11 21.97 16.38
CA SER A 173 10.18 21.86 15.46
C SER A 173 9.83 22.45 14.15
N SER A 174 10.70 23.26 13.69
CA SER A 174 10.56 23.76 12.36
C SER A 174 11.86 23.80 11.65
N THR A 175 11.72 23.64 10.38
CA THR A 175 12.81 23.85 9.47
C THR A 175 12.50 24.95 8.49
N LEU A 176 13.63 25.31 7.97
CA LEU A 176 13.83 26.22 6.87
C LEU A 176 14.76 25.45 5.97
N SER A 177 14.45 25.35 4.72
CA SER A 177 15.29 24.55 3.85
C SER A 177 15.66 25.30 2.57
N LEU A 178 16.92 25.20 2.12
CA LEU A 178 17.13 25.70 0.76
C LEU A 178 17.80 24.70 -0.14
N THR A 179 18.08 25.39 -1.25
CA THR A 179 18.90 24.97 -2.36
C THR A 179 20.23 24.76 -1.78
N LYS A 180 21.13 24.08 -2.67
CA LYS A 180 22.21 23.61 -1.78
C LYS A 180 23.02 24.80 -1.60
N ALA A 181 22.92 25.28 -2.79
CA ALA A 181 23.51 26.42 -3.39
C ALA A 181 23.63 27.58 -2.46
N ASP A 182 22.59 28.34 -2.34
CA ASP A 182 22.73 29.56 -1.56
C ASP A 182 22.95 29.16 -0.11
N TYR A 183 22.52 27.89 0.23
CA TYR A 183 22.94 27.37 1.54
C TYR A 183 24.21 28.20 1.62
N GLU A 184 25.20 27.59 0.05
CA GLU A 184 26.57 27.16 0.39
C GLU A 184 27.51 28.37 0.38
N SER A 185 26.17 29.57 0.00
CA SER A 185 26.25 31.16 -0.25
C SER A 185 26.18 31.99 1.06
N HIS A 186 26.46 31.35 2.18
CA HIS A 186 26.47 32.03 3.51
C HIS A 186 27.20 31.17 4.56
N ASN A 187 27.69 31.83 5.59
CA ASN A 187 28.41 31.17 6.70
C ASN A 187 27.53 31.14 7.95
N LEU A 188 26.77 32.19 7.99
CA LEU A 188 25.87 32.55 9.07
C LEU A 188 24.49 31.92 8.91
N TYR A 189 24.14 31.18 9.94
CA TYR A 189 22.82 30.58 10.12
C TYR A 189 22.63 30.58 11.65
N THR A 190 21.11 31.57 11.59
CA THR A 190 20.41 31.83 12.83
C THR A 190 18.89 31.83 12.86
N CYS A 191 18.40 31.51 14.07
CA CYS A 191 16.96 31.42 14.37
C CYS A 191 16.63 32.00 15.71
N GLU A 192 15.84 33.06 15.66
CA GLU A 192 15.41 33.71 16.88
C GLU A 192 14.12 32.96 17.29
N VAL A 193 13.83 32.89 18.57
CA VAL A 193 12.60 32.17 19.00
C VAL A 193 11.48 33.17 19.34
N VAL A 194 11.40 33.55 20.62
CA VAL A 194 10.39 34.51 21.14
C VAL A 194 9.16 33.78 21.69
N HIS A 195 9.02 33.82 22.99
CA HIS A 195 7.90 33.17 23.69
C HIS A 195 7.02 34.23 24.39
N LYS A 196 7.35 34.35 25.64
CA LYS A 196 6.77 35.25 26.65
C LYS A 196 7.68 34.97 27.81
N THR A 197 8.81 33.37 27.59
CA THR A 197 8.90 33.35 29.05
C THR A 197 10.17 34.08 29.50
N SER A 198 10.20 35.06 27.95
CA SER A 198 11.25 36.11 27.84
C SER A 198 10.82 37.20 26.84
N SER A 199 11.10 38.44 27.22
CA SER A 199 10.82 39.67 26.43
C SER A 199 11.91 39.80 25.35
N SER A 200 13.15 39.80 25.85
CA SER A 200 14.35 39.81 25.02
C SER A 200 14.20 38.41 24.34
N PRO A 201 14.18 38.49 22.20
CA PRO A 201 14.33 37.03 22.30
C PRO A 201 15.55 36.30 22.68
N VAL A 202 15.26 35.05 22.26
CA VAL A 202 16.07 33.83 22.23
C VAL A 202 16.41 33.54 20.77
N VAL A 203 17.62 33.09 20.55
CA VAL A 203 18.10 32.81 19.20
C VAL A 203 19.45 32.13 19.25
N LYS A 204 19.54 31.04 18.54
CA LYS A 204 20.79 30.29 18.44
C LYS A 204 21.30 30.39 16.97
N SER A 205 22.62 30.34 16.80
CA SER A 205 23.19 30.53 15.46
C SER A 205 24.18 29.41 15.06
N PHE A 206 25.88 29.29 14.60
CA PHE A 206 25.79 28.60 13.31
C PHE A 206 25.64 29.65 12.21
N ASN A 207 27.71 28.70 11.73
CA ASN A 207 28.52 29.26 10.61
C ASN A 207 29.13 28.17 9.69
N ARG A 208 28.56 28.13 8.48
CA ARG A 208 28.91 27.19 7.40
C ARG A 208 29.77 26.01 7.90
N ASN A 209 31.00 25.97 7.42
CA ASN A 209 31.94 24.87 7.72
C ASN A 209 32.29 24.76 9.16
N GLU A 210 31.32 25.01 10.03
CA GLU A 210 31.58 24.93 11.48
C GLU A 210 30.61 23.99 12.24
N CYS A 211 31.21 23.10 13.04
CA CYS A 211 30.48 22.06 13.77
C CYS A 211 31.29 21.10 14.65
N GLN B 1 -4.17 -12.01 27.78
CA GLN B 1 -3.41 -12.70 26.66
C GLN B 1 -4.08 -12.53 25.29
N VAL B 2 -4.85 -11.49 25.18
CA VAL B 2 -5.59 -11.24 23.94
C VAL B 2 -4.86 -10.26 23.01
N GLN B 3 -4.51 -10.69 21.78
CA GLN B 3 -3.99 -9.67 20.88
C GLN B 3 -5.13 -9.11 20.03
N LEU B 4 -4.72 -8.75 18.81
CA LEU B 4 -5.61 -8.23 17.74
C LEU B 4 -4.82 -7.35 16.74
N LEU B 5 -4.08 -8.01 15.84
CA LEU B 5 -3.26 -7.32 14.81
C LEU B 5 -4.03 -7.22 13.49
N GLU B 6 -3.72 -6.16 12.79
CA GLU B 6 -4.42 -5.81 11.56
C GLU B 6 -3.43 -5.48 10.43
N SER B 7 -3.54 -6.24 9.36
CA SER B 7 -2.70 -6.09 8.17
C SER B 7 -3.54 -5.52 7.04
N GLY B 8 -2.89 -4.81 6.11
CA GLY B 8 -3.63 -4.24 4.98
C GLY B 8 -2.81 -3.24 4.19
N PRO B 9 -3.19 -2.96 2.92
CA PRO B 9 -2.44 -2.04 2.11
C PRO B 9 -2.36 -0.70 2.78
N GLY B 10 -1.29 -0.02 2.45
CA GLY B 10 -1.00 1.32 2.96
C GLY B 10 -1.68 2.34 2.06
N LEU B 11 -1.56 2.07 0.79
CA LEU B 11 -2.14 2.91 -0.24
C LEU B 11 -3.23 2.15 -1.01
N VAL B 12 -4.38 2.78 -1.20
CA VAL B 12 -5.33 2.27 -2.23
C VAL B 12 -5.84 3.40 -3.11
N ARG B 13 -5.76 3.12 -4.40
CA ARG B 13 -6.24 4.01 -5.45
C ARG B 13 -7.71 4.27 -5.19
N PRO B 14 -8.26 5.43 -5.47
CA PRO B 14 -9.68 5.62 -5.21
C PRO B 14 -10.43 4.59 -6.02
N SER B 15 -11.77 4.52 -5.89
CA SER B 15 -12.46 3.75 -6.94
C SER B 15 -12.41 2.25 -6.66
N GLU B 16 -11.23 1.95 -6.12
CA GLU B 16 -10.70 0.62 -5.77
C GLU B 16 -11.54 -0.07 -4.70
N THR B 17 -10.84 -0.97 -4.02
CA THR B 17 -11.41 -1.80 -2.95
C THR B 17 -10.39 -1.98 -1.82
N LEU B 18 -10.75 -1.46 -0.67
CA LEU B 18 -9.93 -1.60 0.53
C LEU B 18 -10.23 -2.97 1.14
N SER B 19 -9.21 -3.58 1.71
CA SER B 19 -9.35 -4.91 2.31
C SER B 19 -8.23 -5.19 3.32
N LEU B 20 -8.64 -5.13 4.58
CA LEU B 20 -7.75 -5.35 5.72
C LEU B 20 -8.03 -6.72 6.32
N THR B 21 -7.24 -7.08 7.30
CA THR B 21 -7.35 -8.39 7.93
C THR B 21 -7.06 -8.36 9.43
N CYS B 22 -8.09 -8.55 10.21
CA CYS B 22 -7.93 -8.66 11.67
C CYS B 22 -7.50 -10.10 11.93
N THR B 23 -6.45 -10.25 12.72
CA THR B 23 -5.89 -11.57 13.05
C THR B 23 -5.76 -11.68 14.56
N VAL B 24 -6.75 -12.30 15.15
CA VAL B 24 -6.85 -12.36 16.61
C VAL B 24 -6.03 -13.48 17.29
N SER B 25 -5.43 -13.11 18.42
CA SER B 25 -4.96 -14.11 19.38
C SER B 25 -6.02 -13.93 20.46
N GLY B 26 -5.47 -15.23 21.47
CA GLY B 26 -5.93 -15.26 22.85
C GLY B 26 -7.39 -15.61 23.02
N PHE B 27 -8.12 -15.72 21.94
CA PHE B 27 -9.51 -16.13 22.08
C PHE B 27 -9.98 -16.88 20.85
N SER B 28 -11.27 -17.12 20.83
CA SER B 28 -11.90 -17.89 19.77
C SER B 28 -13.00 -17.10 19.07
N LEU B 29 -12.82 -16.98 17.78
CA LEU B 29 -13.77 -16.24 16.98
C LEU B 29 -15.14 -16.92 16.98
N THR B 30 -15.35 -17.96 17.83
CA THR B 30 -16.67 -18.59 17.76
C THR B 30 -17.31 -18.44 19.13
N SER B 31 -16.54 -17.75 19.96
CA SER B 31 -16.89 -17.44 21.36
C SER B 31 -16.64 -15.96 21.72
N PHE B 32 -16.64 -15.13 20.70
CA PHE B 32 -16.46 -13.66 20.86
C PHE B 32 -16.87 -12.98 19.57
N SER B 33 -16.87 -11.68 19.60
CA SER B 33 -17.23 -10.90 18.43
C SER B 33 -16.12 -9.98 18.08
N VAL B 34 -16.03 -9.61 16.83
CA VAL B 34 -15.00 -8.70 16.45
C VAL B 34 -15.64 -7.73 15.48
N SER B 35 -15.15 -6.52 15.46
CA SER B 35 -15.67 -5.54 14.52
C SER B 35 -14.59 -4.57 14.10
N TRP B 36 -14.95 -3.81 13.10
CA TRP B 36 -14.09 -2.79 12.50
C TRP B 36 -14.59 -1.39 12.87
N VAL B 37 -13.64 -0.59 13.31
CA VAL B 37 -13.86 0.82 13.67
C VAL B 37 -12.74 1.64 13.04
N ARG B 38 -13.10 2.76 12.45
CA ARG B 38 -12.11 3.60 11.77
C ARG B 38 -12.10 5.00 12.36
N HIS B 39 -11.03 5.70 12.05
CA HIS B 39 -10.82 7.08 12.46
C HIS B 39 -10.50 7.92 11.24
N PRO B 40 -11.53 8.33 10.49
CA PRO B 40 -11.31 9.08 9.28
C PRO B 40 -10.52 10.32 9.56
N SER B 41 -9.33 10.36 8.98
CA SER B 41 -8.43 11.52 9.11
C SER B 41 -9.35 12.77 9.23
N GLY B 42 -9.24 13.46 10.37
CA GLY B 42 -10.03 14.67 10.59
C GLY B 42 -11.48 14.43 11.01
N LYS B 43 -11.65 13.42 11.82
CA LYS B 43 -12.99 13.09 12.32
C LYS B 43 -12.83 12.24 13.57
N GLY B 44 -13.96 11.93 14.16
CA GLY B 44 -14.03 11.11 15.37
C GLY B 44 -14.18 9.64 15.00
N PRO B 45 -14.00 8.69 15.92
CA PRO B 45 -14.15 7.28 15.61
C PRO B 45 -15.53 7.01 15.06
N GLU B 46 -15.59 5.92 14.32
CA GLU B 46 -16.83 5.45 13.67
C GLU B 46 -16.83 3.94 13.61
N TRP B 47 -17.89 3.37 14.12
CA TRP B 47 -18.08 1.90 14.10
C TRP B 47 -18.59 1.53 12.68
N MET B 48 -17.80 0.04 12.02
CA MET B 48 -18.31 0.20 10.64
C MET B 48 -19.40 -0.86 10.51
N GLY B 49 -18.97 -2.05 11.01
CA GLY B 49 -19.75 -3.31 11.06
C GLY B 49 -19.25 -4.20 12.23
N ARG B 50 -20.01 -5.25 12.53
CA ARG B 50 -19.64 -6.17 13.61
C ARG B 50 -19.79 -7.60 13.10
N MET B 51 -18.87 -8.42 13.52
CA MET B 51 -18.83 -9.83 13.11
C MET B 51 -19.00 -10.70 14.35
N TRP B 52 -20.23 -10.94 14.59
CA TRP B 52 -20.74 -11.83 15.58
C TRP B 52 -19.82 -13.06 15.71
N TYR B 53 -20.18 -13.81 16.77
CA TYR B 53 -19.55 -15.10 17.21
C TYR B 53 -20.23 -16.25 16.47
N ASP B 54 -21.49 -16.02 16.12
CA ASP B 54 -22.30 -17.01 15.41
C ASP B 54 -22.41 -16.72 13.89
N GLY B 55 -21.47 -15.94 13.39
CA GLY B 55 -21.36 -15.69 11.92
C GLY B 55 -22.11 -14.45 11.43
N TYR B 56 -23.20 -14.10 12.08
CA TYR B 56 -23.99 -12.92 11.67
C TYR B 56 -23.06 -11.70 11.63
N THR B 57 -23.38 -10.81 10.71
CA THR B 57 -22.63 -9.55 10.53
C THR B 57 -23.63 -8.39 10.42
N ALA B 58 -23.28 -7.29 11.05
CA ALA B 58 -24.11 -6.08 11.05
C ALA B 58 -23.26 -4.91 10.55
N TYR B 59 -23.88 -4.03 9.77
CA TYR B 59 -23.13 -2.91 9.17
C TYR B 59 -23.74 -1.55 9.48
N ASN B 60 -22.85 -0.58 9.54
CA ASN B 60 -23.24 0.79 9.80
C ASN B 60 -23.99 1.34 8.58
N SER B 61 -25.27 1.09 8.57
CA SER B 61 -26.16 1.53 7.48
C SER B 61 -25.40 2.33 6.42
N ALA B 62 -24.89 3.46 6.87
CA ALA B 62 -24.16 4.41 6.02
C ALA B 62 -23.04 3.74 5.22
N LEU B 63 -22.23 3.02 5.98
CA LEU B 63 -21.03 2.32 5.45
C LEU B 63 -21.37 0.94 4.87
N LYS B 64 -22.59 0.51 5.11
CA LYS B 64 -23.05 -0.83 4.66
C LYS B 64 -22.87 -1.03 3.18
N SER B 65 -23.67 -0.28 2.42
CA SER B 65 -23.73 -0.28 0.95
C SER B 65 -22.43 -0.64 0.17
N ARG B 66 -21.27 -0.43 0.82
CA ARG B 66 -20.00 -0.71 0.19
C ARG B 66 -18.98 -1.45 1.08
N LEU B 67 -19.30 -1.62 2.33
CA LEU B 67 -18.38 -2.32 3.24
C LEU B 67 -19.00 -3.66 3.64
N SER B 68 -18.17 -4.70 3.63
CA SER B 68 -18.62 -6.08 3.91
C SER B 68 -17.55 -6.91 4.65
N ILE B 69 -17.94 -7.33 5.85
CA ILE B 69 -17.09 -8.12 6.79
C ILE B 69 -17.39 -9.63 6.71
N SER B 70 -16.40 -10.42 7.12
CA SER B 70 -16.51 -11.90 7.11
C SER B 70 -15.29 -12.42 7.86
N ARG B 71 -15.32 -13.68 8.22
CA ARG B 71 -14.20 -14.26 8.97
C ARG B 71 -13.91 -15.69 8.53
N ASP B 72 -12.78 -16.14 9.02
CA ASP B 72 -12.27 -17.48 8.76
C ASP B 72 -11.63 -18.02 10.04
N THR B 73 -12.47 -18.68 10.82
CA THR B 73 -12.03 -19.26 12.09
C THR B 73 -10.67 -19.95 11.88
N SER B 74 -10.72 -21.12 11.31
CA SER B 74 -9.53 -21.95 11.04
C SER B 74 -8.18 -21.21 11.15
N LYS B 75 -8.10 -20.01 10.57
CA LYS B 75 -6.87 -19.26 10.61
C LYS B 75 -6.98 -18.10 11.57
N ASN B 76 -8.18 -17.86 12.05
CA ASN B 76 -8.48 -16.81 13.03
C ASN B 76 -8.31 -15.42 12.48
N GLN B 77 -9.22 -15.06 11.63
CA GLN B 77 -9.21 -13.71 11.07
C GLN B 77 -10.61 -13.28 10.76
N VAL B 78 -10.75 -11.99 10.87
CA VAL B 78 -11.96 -11.28 10.52
C VAL B 78 -11.53 -10.32 9.45
N PHE B 79 -12.26 -10.27 8.39
CA PHE B 79 -11.84 -9.45 7.27
C PHE B 79 -12.78 -8.27 6.99
N LEU B 80 -12.16 -7.21 6.52
CA LEU B 80 -12.89 -6.18 5.80
C LEU B 80 -12.65 -6.52 4.33
N LYS B 81 -13.44 -5.67 3.61
CA LYS B 81 -13.56 -5.41 2.11
C LYS B 81 -14.58 -4.30 1.88
N MET B 82 -14.07 -3.13 1.56
CA MET B 82 -14.91 -1.96 1.29
C MET B 82 -14.67 -1.49 -0.13
N ASN B 83 -15.64 -1.73 -0.98
CA ASN B 83 -15.52 -1.37 -2.39
C ASN B 83 -16.10 0.01 -2.69
N SER B 84 -15.27 0.78 -3.39
CA SER B 84 -15.61 2.12 -3.88
C SER B 84 -15.29 3.21 -2.85
N LEU B 85 -14.02 3.26 -2.49
CA LEU B 85 -13.50 4.27 -1.55
C LEU B 85 -13.80 5.69 -2.05
N GLN B 86 -13.29 6.58 -1.24
CA GLN B 86 -13.26 8.03 -1.43
C GLN B 86 -11.95 8.49 -0.85
N THR B 87 -11.70 9.76 -0.88
CA THR B 87 -10.52 10.29 -0.22
C THR B 87 -11.00 10.70 1.17
N ASP B 88 -13.55 9.99 1.50
CA ASP B 88 -12.85 10.40 2.72
C ASP B 88 -13.30 9.48 3.84
N ASP B 89 -12.30 8.11 3.11
CA ASP B 89 -12.05 6.88 3.86
C ASP B 89 -10.64 6.77 4.41
N THR B 90 -9.87 7.83 4.23
CA THR B 90 -8.47 7.83 4.69
C THR B 90 -8.37 7.92 6.22
N GLY B 91 -7.36 7.25 6.73
CA GLY B 91 -7.08 7.22 8.19
C GLY B 91 -6.82 5.77 8.65
N THR B 92 -6.55 5.64 9.94
CA THR B 92 -6.26 4.34 10.56
C THR B 92 -7.55 3.58 10.89
N TYR B 93 -7.53 2.32 10.49
CA TYR B 93 -8.63 1.37 10.68
C TYR B 93 -8.25 0.34 11.76
N TYR B 94 -9.11 0.22 12.76
CA TYR B 94 -8.90 -0.76 13.84
C TYR B 94 -10.01 -1.81 13.85
N CYS B 95 -9.65 -2.98 14.36
CA CYS B 95 -10.57 -4.09 14.59
C CYS B 95 -10.57 -4.32 16.11
N THR B 96 -11.70 -4.73 16.64
CA THR B 96 -11.85 -4.86 18.10
C THR B 96 -12.51 -6.18 18.54
N ARG B 97 -12.34 -6.44 19.83
CA ARG B 97 -12.96 -7.55 20.57
C ARG B 97 -14.23 -6.96 21.18
N ASP B 98 -15.30 -7.73 21.31
CA ASP B 98 -16.54 -7.11 21.83
C ASP B 98 -17.24 -7.98 22.88
N LEU B 99 -17.64 -7.30 23.95
CA LEU B 99 -18.38 -7.91 25.06
C LEU B 99 -19.84 -7.37 25.03
N TYR B 100 -20.51 -7.56 26.14
CA TYR B 100 -21.94 -7.20 26.37
C TYR B 100 -22.49 -6.03 25.50
N GLY B 101 -21.63 -5.31 24.77
CA GLY B 101 -22.13 -4.18 23.92
C GLY B 101 -20.96 -3.39 23.27
N GLY B 102 -19.97 -3.01 24.08
CA GLY B 102 -18.77 -2.24 23.63
C GLY B 102 -17.57 -3.19 23.42
N TYR B 103 -16.35 -2.66 23.48
CA TYR B 103 -15.12 -3.49 23.30
C TYR B 103 -14.14 -3.38 24.47
N PRO B 104 -13.79 -4.49 25.13
CA PRO B 104 -12.82 -4.47 26.21
C PRO B 104 -11.44 -4.27 25.64
N LEU B 105 -10.69 -5.35 25.18
CA LEU B 105 -9.38 -4.96 24.65
C LEU B 105 -9.50 -4.53 23.24
N GLY B 106 -8.53 -5.12 22.56
CA GLY B 106 -8.34 -5.01 21.13
C GLY B 106 -8.08 -3.57 20.74
N PHE B 107 -7.57 -3.44 19.54
CA PHE B 107 -7.16 -2.14 19.02
C PHE B 107 -5.63 -1.96 19.10
N TRP B 108 -4.79 -2.74 18.44
CA TRP B 108 -3.33 -2.49 18.62
C TRP B 108 -3.08 -1.15 17.84
N TYR B 109 -3.84 -1.00 16.68
CA TYR B 109 -3.85 0.25 15.81
C TYR B 109 -3.33 -0.06 14.34
N PHE B 110 -3.90 0.68 13.32
CA PHE B 110 -3.55 0.55 11.84
C PHE B 110 -4.12 1.80 11.02
N ASP B 111 -3.29 2.33 10.07
CA ASP B 111 -3.61 3.60 9.28
C ASP B 111 -4.05 3.28 7.86
N PHE B 112 -3.83 4.68 6.76
CA PHE B 112 -4.38 4.04 5.57
C PHE B 112 -5.01 5.10 4.69
N TRP B 113 -3.83 5.52 3.72
CA TRP B 113 -3.90 6.65 2.75
C TRP B 113 -4.49 6.05 1.44
N GLY B 114 -5.59 6.63 0.96
CA GLY B 114 -6.31 6.05 -0.20
C GLY B 114 -6.17 6.86 -1.51
N PRO B 115 -5.38 7.95 -1.60
CA PRO B 115 -5.27 8.71 -2.84
C PRO B 115 -4.73 7.88 -4.00
N GLY B 116 -4.71 8.50 -5.19
CA GLY B 116 -4.23 7.89 -6.47
C GLY B 116 -2.81 8.40 -6.84
N THR B 117 -1.84 7.72 -6.24
CA THR B 117 -0.38 7.95 -6.39
C THR B 117 0.36 6.72 -5.82
N MET B 118 2.83 6.83 -6.01
CA MET B 118 2.47 5.61 -5.26
C MET B 118 2.89 5.88 -3.83
N VAL B 119 3.96 5.15 -3.54
CA VAL B 119 4.74 5.23 -2.30
C VAL B 119 5.87 6.23 -2.51
N THR B 120 6.95 5.95 -1.80
CA THR B 120 8.15 6.80 -1.84
C THR B 120 8.84 6.72 -0.48
N VAL B 121 9.90 5.95 -0.46
CA VAL B 121 10.70 5.73 0.74
C VAL B 121 11.05 7.06 1.40
N SER B 122 11.38 6.93 2.67
CA SER B 122 11.78 8.03 3.55
C SER B 122 13.29 8.29 3.32
N SER B 123 13.70 9.51 3.61
CA SER B 123 15.12 9.93 3.47
C SER B 123 15.60 10.43 4.85
N VAL B 124 16.51 9.67 5.44
CA VAL B 124 17.02 9.94 6.80
C VAL B 124 18.44 10.57 6.81
N PHE B 125 18.46 11.84 7.23
CA PHE B 125 19.70 12.65 7.38
C PHE B 125 19.87 13.03 8.88
N PRO B 126 21.05 12.84 9.57
CA PRO B 126 21.14 13.20 11.00
C PRO B 126 20.95 14.68 11.27
N LEU B 127 20.93 14.92 12.57
CA LEU B 127 20.80 16.24 13.24
C LEU B 127 21.84 16.30 14.39
N ALA B 128 22.78 17.26 14.36
CA ALA B 128 23.86 17.34 15.41
C ALA B 128 24.49 18.76 15.55
N PRO B 129 25.01 19.18 16.76
CA PRO B 129 25.61 20.52 16.97
C PRO B 129 26.81 20.79 16.12
N GLY B 130 26.79 22.01 15.60
CA GLY B 130 27.89 22.57 14.77
C GLY B 130 28.99 23.05 15.71
N SER B 131 29.40 22.08 16.52
CA SER B 131 30.38 22.26 17.58
C SER B 131 29.61 22.58 18.88
N ALA B 132 29.09 23.80 18.85
CA ALA B 132 28.24 24.45 19.91
C ALA B 132 28.23 23.76 21.30
N ALA B 133 27.15 23.02 21.57
CA ALA B 133 26.91 22.32 22.88
C ALA B 133 28.06 21.35 23.22
N GLN B 134 28.60 21.43 24.46
CA GLN B 134 29.78 20.59 24.83
C GLN B 134 29.72 19.93 26.24
N THR B 135 29.92 20.72 27.29
CA THR B 135 30.06 20.15 28.67
C THR B 135 28.73 19.99 29.45
N ASN B 136 27.70 20.78 29.16
CA ASN B 136 26.40 20.62 29.89
C ASN B 136 25.95 19.19 29.82
N SER B 137 25.63 18.65 30.97
CA SER B 137 25.16 17.28 31.02
C SER B 137 24.45 16.88 29.72
N MET B 138 23.13 16.08 29.03
CA MET B 138 22.36 17.17 28.42
C MET B 138 23.08 17.78 27.18
N VAL B 139 22.55 17.20 26.07
CA VAL B 139 22.66 17.55 24.61
C VAL B 139 21.57 16.83 23.85
N THR B 140 20.91 17.63 23.06
CA THR B 140 19.78 17.21 22.25
C THR B 140 20.24 16.92 20.82
N LEU B 141 19.88 15.74 20.36
CA LEU B 141 20.20 15.29 18.99
C LEU B 141 18.88 15.09 18.22
N GLY B 142 18.95 14.64 16.96
CA GLY B 142 17.70 14.53 16.13
C GLY B 142 17.93 13.79 14.80
N CYS B 143 16.85 13.73 13.93
CA CYS B 143 17.01 12.82 12.82
C CYS B 143 15.86 12.80 11.88
N LEU B 144 16.07 13.82 11.04
CA LEU B 144 15.20 14.28 9.97
C LEU B 144 15.01 13.23 8.88
N VAL B 145 13.86 12.61 9.02
CA VAL B 145 13.34 11.61 8.10
C VAL B 145 12.60 12.39 7.01
N LYS B 146 13.09 12.40 5.79
CA LYS B 146 12.43 13.24 4.78
C LYS B 146 12.06 12.54 3.49
N GLY B 147 11.09 13.19 2.86
CA GLY B 147 10.54 12.82 1.55
C GLY B 147 10.06 11.33 1.50
N TYR B 148 8.93 11.01 2.13
CA TYR B 148 8.34 9.63 2.12
C TYR B 148 6.85 9.72 1.89
N PHE B 149 5.85 9.35 2.13
CA PHE B 149 4.55 9.08 1.52
C PHE B 149 4.68 7.88 0.59
N PRO B 150 2.69 7.02 1.45
CA PRO B 150 1.35 7.35 1.77
C PRO B 150 1.64 7.90 3.14
N GLU B 151 1.50 7.17 4.28
CA GLU B 151 1.87 7.95 5.47
C GLU B 151 2.81 7.41 6.61
N PRO B 152 2.20 6.34 8.31
CA PRO B 152 3.38 6.86 8.98
C PRO B 152 4.71 6.21 8.73
N VAL B 153 5.63 6.84 9.48
CA VAL B 153 7.00 6.41 9.79
C VAL B 153 6.97 6.23 11.30
N THR B 154 8.06 5.84 11.88
CA THR B 154 8.09 5.64 13.33
C THR B 154 9.53 5.52 13.80
N VAL B 155 10.22 6.63 14.17
CA VAL B 155 11.52 6.34 14.80
C VAL B 155 11.50 6.17 16.30
N THR B 156 12.51 5.39 16.61
CA THR B 156 13.00 5.03 17.95
C THR B 156 14.50 5.26 17.97
N TRP B 157 14.40 5.68 19.01
CA TRP B 157 15.78 5.94 19.44
C TRP B 157 16.36 4.81 20.23
N ASN B 158 17.59 4.63 19.85
CA ASN B 158 18.47 3.60 20.32
C ASN B 158 17.69 2.43 20.70
N SER B 159 17.33 1.83 19.64
CA SER B 159 16.60 0.67 19.69
C SER B 159 15.62 0.71 20.87
N GLY B 160 15.07 1.90 21.06
CA GLY B 160 14.03 2.22 22.06
C GLY B 160 14.44 1.95 23.51
N ALA B 161 15.71 2.14 23.81
CA ALA B 161 16.23 1.97 25.18
C ALA B 161 16.31 3.34 25.83
N LEU B 162 16.14 4.34 24.99
CA LEU B 162 16.11 5.76 25.39
C LEU B 162 14.70 6.03 25.93
N SER B 163 13.89 7.28 25.03
CA SER B 163 12.50 7.04 25.42
C SER B 163 12.16 8.00 26.55
N SER B 164 12.68 8.33 28.50
CA SER B 164 12.94 9.72 28.08
C SER B 164 14.10 10.38 27.51
N GLY B 165 13.40 11.44 26.91
CA GLY B 165 13.84 12.65 26.18
C GLY B 165 13.58 12.56 24.66
N VAL B 166 12.83 11.57 24.26
CA VAL B 166 12.53 11.33 22.83
C VAL B 166 11.41 12.31 22.40
N HIS B 167 11.41 12.80 21.14
CA HIS B 167 10.46 13.91 20.86
C HIS B 167 10.10 14.11 19.36
N THR B 168 9.53 13.09 18.78
CA THR B 168 9.16 13.06 17.34
C THR B 168 7.89 13.89 17.04
N PHE B 169 8.13 15.10 16.52
CA PHE B 169 7.06 16.04 16.13
C PHE B 169 6.24 15.48 14.96
N PRO B 170 4.99 15.93 14.75
CA PRO B 170 4.24 15.46 13.61
C PRO B 170 5.01 15.84 12.42
N ALA B 171 4.40 15.60 11.31
CA ALA B 171 5.05 15.92 10.08
C ALA B 171 4.12 16.66 9.18
N VAL B 172 4.68 17.55 8.40
CA VAL B 172 3.89 18.23 7.41
C VAL B 172 4.13 17.68 5.99
N LEU B 173 3.35 18.25 5.07
CA LEU B 173 3.26 17.83 3.65
C LEU B 173 3.84 18.89 2.67
N GLN B 174 4.80 18.37 1.88
CA GLN B 174 5.61 19.10 0.86
C GLN B 174 4.94 19.03 -0.52
N SER B 175 5.81 19.01 -1.53
CA SER B 175 5.36 18.88 -2.91
C SER B 175 4.81 17.47 -3.08
N GLY B 176 3.82 17.22 -2.26
CA GLY B 176 3.10 15.94 -2.23
C GLY B 176 3.80 14.90 -1.35
N LEU B 177 4.88 15.27 -0.68
CA LEU B 177 5.60 14.32 0.19
C LEU B 177 5.62 14.78 1.64
N TYR B 178 5.61 13.77 2.49
CA TYR B 178 5.68 13.96 3.94
C TYR B 178 7.15 13.81 4.41
N THR B 179 7.46 14.59 5.45
CA THR B 179 8.79 14.63 6.14
C THR B 179 8.45 15.10 7.60
N LEU B 180 9.19 14.64 8.61
CA LEU B 180 8.90 15.05 10.04
C LEU B 180 9.98 15.94 10.65
N THR B 181 10.76 15.14 11.40
CA THR B 181 11.97 15.45 12.18
C THR B 181 11.77 15.15 13.69
N SER B 182 12.23 13.94 14.07
CA SER B 182 12.21 13.44 15.47
C SER B 182 13.58 13.79 16.12
N SER B 183 13.56 14.02 17.43
CA SER B 183 14.77 14.39 18.18
C SER B 183 14.86 13.62 19.51
N VAL B 184 16.01 13.78 20.16
CA VAL B 184 16.32 13.10 21.44
C VAL B 184 17.24 13.96 22.32
N THR B 185 16.94 14.00 23.61
CA THR B 185 17.84 14.68 24.56
C THR B 185 18.62 13.60 25.25
N VAL B 186 19.60 14.01 26.01
CA VAL B 186 20.46 13.02 26.55
C VAL B 186 21.71 13.66 27.18
N PRO B 187 22.17 13.15 28.34
CA PRO B 187 23.37 13.66 29.01
C PRO B 187 24.61 13.46 28.14
N SER B 188 25.46 14.50 28.12
CA SER B 188 26.73 14.55 27.33
C SER B 188 27.57 13.30 27.53
N SER B 189 27.50 12.75 28.75
CA SER B 189 28.23 11.53 29.12
C SER B 189 27.99 10.41 28.09
N THR B 190 26.15 10.54 27.34
CA THR B 190 26.11 9.12 26.97
C THR B 190 26.59 9.18 25.50
N TRP B 191 27.57 11.92 24.67
CA TRP B 191 26.81 11.10 23.73
C TRP B 191 27.76 10.66 22.63
N SER B 192 29.17 10.97 23.94
CA SER B 192 30.49 10.40 23.78
C SER B 192 30.44 9.09 24.55
N SER B 193 31.47 8.28 24.47
CA SER B 193 31.45 7.01 25.19
C SER B 193 30.00 6.53 25.27
N GLN B 194 29.66 5.65 24.35
CA GLN B 194 28.29 5.15 24.18
C GLN B 194 27.72 5.91 22.96
N ALA B 195 27.01 5.22 22.08
CA ALA B 195 26.52 5.86 20.84
C ALA B 195 24.99 5.89 20.75
N VAL B 196 24.50 7.09 20.45
CA VAL B 196 23.05 7.34 20.25
C VAL B 196 22.73 7.29 18.77
N THR B 197 21.67 6.55 18.48
CA THR B 197 21.24 6.34 17.10
C THR B 197 19.70 6.30 16.96
N CYS B 198 19.21 6.99 15.92
CA CYS B 198 17.77 6.97 15.57
C CYS B 198 17.56 5.70 14.76
N ASN B 199 16.34 5.39 14.40
CA ASN B 199 16.12 4.04 13.92
C ASN B 199 14.69 4.04 13.33
N VAL B 200 14.70 4.46 12.05
CA VAL B 200 13.51 4.72 11.18
C VAL B 200 12.95 3.45 10.50
N ALA B 201 11.63 3.54 10.27
CA ALA B 201 10.81 2.49 9.62
C ALA B 201 9.59 3.18 8.94
N HIS B 202 9.27 2.71 7.74
CA HIS B 202 8.15 3.20 6.90
C HIS B 202 7.51 1.94 6.28
N PRO B 203 6.71 1.17 7.05
CA PRO B 203 6.24 -0.17 6.63
C PRO B 203 5.53 -0.30 5.25
N ALA B 204 5.23 0.79 4.53
CA ALA B 204 4.57 0.72 3.14
C ALA B 204 5.63 1.07 2.09
N SER B 205 6.85 0.78 2.48
CA SER B 205 8.04 1.00 1.65
C SER B 205 9.20 0.23 2.30
N SER B 206 8.76 -0.85 2.92
CA SER B 206 9.61 -1.82 3.63
C SER B 206 10.99 -1.23 3.94
N THR B 207 10.95 0.05 4.28
CA THR B 207 12.14 0.81 4.66
C THR B 207 12.44 0.55 6.15
N LYS B 208 13.71 0.36 6.44
CA LYS B 208 14.16 0.09 7.83
C LYS B 208 15.52 0.72 8.06
N VAL B 209 15.55 2.03 7.91
CA VAL B 209 16.77 2.84 8.03
C VAL B 209 17.19 3.03 9.50
N ASP B 210 18.50 3.23 9.65
CA ASP B 210 19.15 3.43 10.97
C ASP B 210 20.35 4.39 10.84
N LYS B 211 20.16 5.66 11.18
CA LYS B 211 21.28 6.63 11.07
C LYS B 211 21.92 6.98 12.46
N LYS B 212 23.19 6.46 12.68
CA LYS B 212 24.01 6.76 13.92
C LYS B 212 24.18 8.26 13.93
N ILE B 213 24.75 9.01 14.91
CA ILE B 213 24.32 10.33 14.61
C ILE B 213 25.28 11.28 15.28
N VAL B 214 26.48 10.84 14.90
CA VAL B 214 27.84 11.29 15.27
C VAL B 214 28.06 12.76 15.20
N PRO B 215 29.04 13.20 15.97
CA PRO B 215 29.40 14.59 16.07
C PRO B 215 30.05 15.23 14.85
N ARG B 216 29.55 16.43 14.57
CA ARG B 216 30.05 17.19 13.46
C ARG B 216 31.53 17.57 13.63
N ASP B 217 32.23 17.65 12.50
CA ASP B 217 33.65 17.98 12.53
C ASP B 217 33.97 19.10 11.51
N CYS B 218 34.12 20.37 12.07
CA CYS B 218 34.46 21.52 11.21
C CYS B 218 34.59 22.76 12.09
N ASP C 1 -14.68 -5.57 -42.66
CA ASP C 1 -14.36 -4.29 -41.90
C ASP C 1 -12.95 -3.82 -42.29
N ILE C 2 -12.34 -3.00 -41.45
CA ILE C 2 -11.01 -2.52 -41.74
C ILE C 2 -10.01 -3.26 -40.95
N LYS C 3 -8.88 -3.62 -41.53
CA LYS C 3 -7.82 -4.29 -40.71
C LYS C 3 -6.83 -3.16 -40.22
N LEU C 4 -6.43 -3.18 -38.96
CA LEU C 4 -5.56 -2.13 -38.46
C LEU C 4 -4.15 -2.63 -38.32
N THR C 5 -3.16 -1.90 -38.82
CA THR C 5 -1.78 -2.43 -38.70
C THR C 5 -0.86 -1.58 -37.82
N GLN C 6 -0.26 -2.21 -36.81
CA GLN C 6 0.59 -1.50 -35.89
C GLN C 6 1.96 -1.93 -36.20
N SER C 7 2.61 -1.15 -37.08
CA SER C 7 3.96 -1.37 -37.65
C SER C 7 5.14 -1.83 -36.77
N PRO C 8 5.47 -1.02 -35.77
CA PRO C 8 6.56 -1.44 -34.90
C PRO C 8 5.90 -2.33 -33.80
N SER C 9 6.07 -3.65 -33.88
CA SER C 9 5.42 -4.53 -32.90
C SER C 9 5.98 -4.32 -31.52
N LEU C 10 7.26 -4.02 -31.44
CA LEU C 10 7.87 -3.77 -30.14
C LEU C 10 8.81 -2.61 -30.40
N LEU C 11 8.79 -1.62 -29.50
CA LEU C 11 9.67 -0.48 -29.65
C LEU C 11 10.08 -0.01 -28.29
N SER C 12 11.36 0.34 -28.13
CA SER C 12 11.89 0.80 -26.84
C SER C 12 12.76 2.06 -26.88
N ALA C 13 12.52 2.98 -25.96
CA ALA C 13 13.27 4.22 -25.89
C ALA C 13 13.66 4.48 -24.45
N SER C 14 13.96 5.74 -24.13
CA SER C 14 14.39 6.07 -22.75
C SER C 14 13.78 7.33 -22.24
N VAL C 15 13.57 7.38 -20.93
CA VAL C 15 12.89 8.53 -20.30
C VAL C 15 13.38 9.75 -21.01
N GLY C 16 12.48 10.66 -21.31
CA GLY C 16 12.88 11.86 -22.02
C GLY C 16 12.58 11.64 -23.48
N ASP C 17 13.19 10.62 -24.06
CA ASP C 17 12.97 10.24 -25.45
C ASP C 17 11.51 10.52 -25.86
N ARG C 18 11.27 11.13 -27.03
CA ARG C 18 9.88 11.37 -27.56
C ARG C 18 9.67 10.18 -28.51
N VAL C 19 8.60 9.44 -28.29
CA VAL C 19 8.39 8.27 -29.08
C VAL C 19 7.20 8.47 -29.95
N THR C 20 7.17 7.73 -31.06
CA THR C 20 6.04 7.81 -31.96
C THR C 20 5.58 6.42 -32.33
N LEU C 21 4.28 6.17 -32.19
CA LEU C 21 3.66 4.90 -32.48
C LEU C 21 2.73 4.90 -33.74
N SER C 22 2.76 3.84 -34.58
CA SER C 22 1.87 3.81 -35.78
C SER C 22 0.71 2.73 -35.86
N CYS C 23 -0.27 3.00 -36.73
CA CYS C 23 -1.43 2.14 -36.92
C CYS C 23 -2.03 2.58 -38.22
N LYS C 24 -2.25 1.67 -39.16
CA LYS C 24 -2.82 2.13 -40.43
C LYS C 24 -3.84 1.17 -40.99
N GLY C 25 -5.04 1.68 -41.17
CA GLY C 25 -6.10 0.83 -41.66
C GLY C 25 -5.98 0.51 -43.14
N SER C 26 -6.69 -0.53 -43.55
CA SER C 26 -6.72 -0.96 -44.93
C SER C 26 -7.81 -0.24 -45.69
N GLN C 27 -8.40 0.76 -45.07
CA GLN C 27 -9.44 1.52 -45.73
C GLN C 27 -9.51 2.82 -44.91
N ASN C 28 -9.72 3.95 -45.60
CA ASN C 28 -9.81 5.26 -44.96
C ASN C 28 -10.65 5.08 -43.69
N ILE C 29 -9.98 5.36 -42.57
CA ILE C 29 -10.47 5.26 -41.22
C ILE C 29 -11.05 6.62 -40.84
N ASN C 30 -11.35 7.42 -41.84
CA ASN C 30 -11.79 8.79 -41.66
C ASN C 30 -11.75 9.39 -40.28
N ASN C 31 -10.54 9.42 -39.74
CA ASN C 31 -10.24 10.01 -38.46
C ASN C 31 -10.99 9.45 -37.28
N TYR C 32 -11.59 8.27 -37.39
CA TYR C 32 -12.22 7.70 -36.24
C TYR C 32 -11.22 6.70 -35.75
N LEU C 33 -10.26 7.14 -34.95
CA LEU C 33 -9.32 6.17 -34.45
C LEU C 33 -9.16 6.44 -32.96
N ALA C 34 -8.77 5.44 -32.18
CA ALA C 34 -8.59 5.65 -30.76
C ALA C 34 -7.42 4.84 -30.29
N TRP C 35 -6.71 5.35 -29.29
CA TRP C 35 -5.54 4.67 -28.75
C TRP C 35 -5.90 4.23 -27.34
N TYR C 36 -5.76 2.94 -27.04
CA TYR C 36 -6.09 2.38 -25.75
C TYR C 36 -4.82 1.79 -25.17
N GLN C 37 -4.46 2.15 -23.95
CA GLN C 37 -3.20 1.64 -23.40
C GLN C 37 -3.39 0.45 -22.46
N GLN C 38 -2.56 -0.60 -22.51
CA GLN C 38 -2.91 -1.68 -21.59
C GLN C 38 -2.32 -1.77 -20.24
N LYS C 39 -1.11 -2.28 -20.12
CA LYS C 39 -0.50 -2.36 -18.78
C LYS C 39 -0.84 -3.58 -17.98
N LEU C 40 -0.25 -4.67 -18.39
CA LEU C 40 -0.35 -5.96 -17.76
C LEU C 40 -1.35 -6.08 -16.65
N GLY C 41 -2.35 -6.98 -16.82
CA GLY C 41 -3.40 -7.27 -15.83
C GLY C 41 -4.06 -5.98 -15.33
N GLU C 42 -4.65 -5.26 -16.24
CA GLU C 42 -5.28 -4.03 -15.88
C GLU C 42 -6.09 -3.92 -17.11
N ALA C 43 -7.13 -3.09 -17.06
CA ALA C 43 -8.02 -2.92 -18.20
C ALA C 43 -7.53 -1.86 -19.13
N PRO C 44 -7.75 -2.05 -20.43
CA PRO C 44 -7.24 -0.96 -21.24
C PRO C 44 -7.75 0.43 -20.86
N LYS C 45 -6.88 1.40 -21.06
CA LYS C 45 -7.17 2.80 -20.81
C LYS C 45 -7.26 3.52 -22.19
N LEU C 46 -8.29 4.38 -22.29
CA LEU C 46 -8.51 5.20 -23.47
C LEU C 46 -7.56 6.38 -23.31
N LEU C 47 -6.58 6.55 -24.18
CA LEU C 47 -5.70 7.67 -24.06
C LEU C 47 -6.36 8.72 -24.94
N ILE C 48 -6.23 8.59 -26.25
CA ILE C 48 -6.88 9.60 -27.04
C ILE C 48 -7.89 8.94 -27.97
N TYR C 49 -8.89 9.70 -28.43
CA TYR C 49 -9.94 9.19 -29.30
C TYR C 49 -10.24 10.16 -30.41
N ASN C 50 -11.22 9.84 -31.25
CA ASN C 50 -11.52 10.68 -32.38
C ASN C 50 -10.27 11.31 -32.99
N THR C 51 -9.30 10.45 -33.31
CA THR C 51 -7.99 10.74 -33.93
C THR C 51 -6.91 11.45 -33.11
N ASN C 52 -7.28 12.50 -32.39
CA ASN C 52 -6.31 13.30 -31.65
C ASN C 52 -6.82 13.97 -30.37
N SER C 53 -7.79 13.41 -29.65
CA SER C 53 -8.26 14.11 -28.46
C SER C 53 -8.10 13.43 -27.11
N LEU C 54 -7.18 13.97 -26.35
CA LEU C 54 -6.82 13.52 -25.02
C LEU C 54 -8.04 13.19 -24.14
N GLN C 55 -8.13 11.97 -23.63
CA GLN C 55 -9.30 11.69 -22.76
C GLN C 55 -9.11 12.55 -21.54
N THR C 56 -10.19 12.63 -20.77
CA THR C 56 -10.19 13.47 -19.60
C THR C 56 -9.30 13.15 -18.47
N GLY C 57 -8.21 12.44 -18.68
CA GLY C 57 -7.35 12.15 -17.56
C GLY C 57 -5.95 11.80 -18.00
N ILE C 58 -5.83 11.41 -19.28
CA ILE C 58 -4.56 11.03 -19.86
C ILE C 58 -3.72 12.29 -19.94
N PRO C 59 -2.44 12.20 -19.54
CA PRO C 59 -1.56 13.37 -19.59
C PRO C 59 -1.37 13.86 -20.98
N SER C 60 -0.79 15.05 -21.07
CA SER C 60 -0.57 15.72 -22.33
C SER C 60 0.61 15.28 -23.16
N ARG C 61 1.43 14.37 -22.69
CA ARG C 61 2.52 13.93 -23.53
C ARG C 61 1.91 13.01 -24.56
N PHE C 62 0.60 12.80 -24.45
CA PHE C 62 -0.15 11.96 -25.35
C PHE C 62 -0.76 12.84 -26.42
N SER C 63 -0.75 12.34 -27.64
CA SER C 63 -1.23 13.17 -28.71
C SER C 63 -1.54 12.34 -29.94
N GLY C 64 -2.66 12.66 -30.60
CA GLY C 64 -3.05 11.93 -31.79
C GLY C 64 -2.96 12.73 -33.08
N SER C 65 -2.83 12.03 -34.21
CA SER C 65 -2.79 12.71 -35.50
C SER C 65 -3.09 11.67 -36.56
N GLY C 66 -3.55 12.12 -37.72
CA GLY C 66 -3.85 11.17 -38.78
C GLY C 66 -4.85 11.66 -39.80
N SER C 67 -5.04 10.84 -40.82
CA SER C 67 -5.96 11.14 -41.91
C SER C 67 -6.27 9.77 -42.42
N GLY C 68 -7.53 9.56 -42.79
CA GLY C 68 -7.98 8.28 -43.30
C GLY C 68 -6.84 7.33 -43.58
N THR C 69 -6.87 6.13 -43.02
CA THR C 69 -5.82 5.15 -43.22
C THR C 69 -4.63 5.22 -42.30
N ASP C 70 -3.85 6.28 -42.38
CA ASP C 70 -2.67 6.33 -41.53
C ASP C 70 -2.78 7.31 -40.35
N TYR C 71 -2.66 6.76 -39.12
CA TYR C 71 -2.75 7.52 -37.86
C TYR C 71 -1.52 7.32 -36.99
N THR C 72 -1.42 8.08 -35.92
CA THR C 72 -0.22 7.96 -35.10
C THR C 72 -0.34 8.51 -33.66
N LEU C 73 0.22 7.75 -32.71
CA LEU C 73 0.24 8.16 -31.31
C LEU C 73 1.68 8.39 -30.97
N THR C 74 1.95 9.60 -30.45
CA THR C 74 3.30 10.02 -30.10
C THR C 74 3.40 10.52 -28.66
N ILE C 75 4.30 9.94 -27.91
CA ILE C 75 4.51 10.33 -26.53
C ILE C 75 5.73 11.23 -26.37
N SER C 76 5.49 12.53 -26.46
CA SER C 76 6.53 13.56 -26.37
C SER C 76 7.10 13.71 -24.99
N SER C 77 7.90 12.74 -24.55
CA SER C 77 8.51 12.74 -23.20
C SER C 77 8.28 11.42 -22.47
N LEU C 78 8.84 10.34 -23.02
CA LEU C 78 8.70 9.03 -22.46
C LEU C 78 8.94 9.15 -21.01
N GLN C 79 8.01 8.60 -20.24
CA GLN C 79 8.14 8.62 -18.81
C GLN C 79 8.49 7.23 -18.51
N PRO C 80 8.86 6.93 -17.28
CA PRO C 80 9.22 5.55 -16.91
C PRO C 80 8.00 4.59 -16.61
N GLU C 81 6.84 5.19 -16.36
CA GLU C 81 5.60 4.47 -16.16
C GLU C 81 4.84 4.76 -17.44
N ASP C 82 5.33 4.24 -18.57
CA ASP C 82 4.61 4.40 -19.81
C ASP C 82 4.77 3.08 -20.46
N VAL C 83 5.59 2.26 -19.82
CA VAL C 83 5.83 0.94 -20.32
C VAL C 83 4.43 0.42 -20.38
N ALA C 84 4.06 -0.12 -21.53
CA ALA C 84 2.70 -0.65 -21.67
C ALA C 84 2.53 -1.29 -23.05
N THR C 85 1.30 -1.67 -23.41
CA THR C 85 1.08 -2.14 -24.76
C THR C 85 -0.03 -1.23 -25.22
N TYR C 86 0.17 -0.52 -26.31
CA TYR C 86 -0.82 0.42 -26.81
C TYR C 86 -1.56 -0.17 -27.99
N PHE C 87 -2.86 -0.13 -27.97
CA PHE C 87 -3.59 -0.69 -29.08
C PHE C 87 -4.34 0.44 -29.72
N CYS C 88 -4.52 0.41 -31.03
CA CYS C 88 -5.30 1.44 -31.70
C CYS C 88 -6.67 0.82 -32.07
N TYR C 89 -7.76 1.53 -31.88
CA TYR C 89 -9.03 0.93 -32.18
C TYR C 89 -9.65 1.79 -33.27
N GLN C 90 -10.21 1.15 -34.31
CA GLN C 90 -10.77 1.88 -35.44
C GLN C 90 -12.24 1.60 -35.54
N TYR C 91 -13.06 2.63 -35.47
CA TYR C 91 -14.50 2.45 -35.52
C TYR C 91 -15.22 3.24 -36.64
N ASN C 92 -14.54 3.58 -37.71
CA ASN C 92 -15.20 4.32 -38.80
C ASN C 92 -15.97 3.27 -39.53
N ASN C 93 -15.28 2.22 -39.93
CA ASN C 93 -16.03 1.15 -40.54
C ASN C 93 -16.61 0.14 -39.58
N GLY C 94 -15.80 -0.71 -38.96
CA GLY C 94 -16.45 -1.66 -38.10
C GLY C 94 -15.88 -2.15 -36.80
N TYR C 95 -15.28 -1.28 -36.02
CA TYR C 95 -14.78 -1.78 -34.74
C TYR C 95 -13.76 -2.88 -34.88
N THR C 96 -12.48 -2.45 -34.86
CA THR C 96 -11.30 -3.30 -34.96
C THR C 96 -10.10 -2.81 -34.15
N PHE C 97 -9.31 -3.74 -33.60
CA PHE C 97 -8.13 -3.35 -32.84
C PHE C 97 -6.85 -3.54 -33.61
N GLY C 98 -5.74 -3.33 -32.92
CA GLY C 98 -4.43 -3.44 -33.52
C GLY C 98 -3.65 -4.46 -32.75
N ALA C 99 -2.73 -5.08 -33.46
CA ALA C 99 -1.92 -6.10 -32.86
C ALA C 99 -1.43 -5.57 -31.55
N GLY C 100 -1.17 -4.26 -31.55
CA GLY C 100 -0.68 -3.57 -30.37
C GLY C 100 0.81 -3.29 -30.51
N THR C 101 1.41 -2.46 -29.67
CA THR C 101 2.83 -2.17 -29.81
C THR C 101 3.46 -2.13 -28.44
N LYS C 102 4.28 -3.10 -28.09
CA LYS C 102 4.92 -3.09 -26.80
C LYS C 102 5.82 -1.87 -26.77
N LEU C 103 6.27 -1.45 -25.58
CA LEU C 103 7.12 -0.24 -25.44
C LEU C 103 8.02 -0.33 -24.21
N GLU C 104 9.32 -0.55 -24.38
CA GLU C 104 10.28 -0.67 -23.25
C GLU C 104 11.24 0.52 -22.94
N LEU C 105 12.00 0.47 -21.85
CA LEU C 105 12.90 1.57 -21.50
C LEU C 105 14.37 1.21 -21.22
N LYS C 106 15.20 2.18 -20.79
CA LYS C 106 16.61 1.83 -20.53
C LYS C 106 17.31 2.03 -19.11
N ARG C 107 18.53 1.48 -18.83
CA ARG C 107 19.19 1.60 -17.47
C ARG C 107 20.44 0.68 -16.93
N THR C 108 20.35 -0.67 -17.01
CA THR C 108 21.29 -1.85 -16.62
C THR C 108 21.97 -2.25 -15.20
N ALA C 109 21.77 -3.54 -14.77
CA ALA C 109 22.27 -4.30 -13.54
C ALA C 109 21.27 -5.38 -13.03
N PRO C 110 21.71 -6.49 -12.29
CA PRO C 110 20.95 -7.67 -11.70
C PRO C 110 20.66 -7.90 -10.16
N THR C 111 21.00 -9.13 -9.66
CA THR C 111 20.81 -9.67 -8.22
C THR C 111 20.34 -11.19 -8.08
N VAL C 112 20.97 -12.02 -7.23
CA VAL C 112 20.51 -13.43 -7.19
C VAL C 112 20.31 -14.13 -5.85
N SER C 113 19.63 -15.29 -5.88
CA SER C 113 19.36 -16.11 -4.70
C SER C 113 18.70 -17.46 -5.07
N ILE C 114 19.18 -18.54 -4.47
CA ILE C 114 18.69 -19.91 -4.71
C ILE C 114 17.79 -20.40 -3.56
N PHE C 115 16.83 -21.28 -3.87
CA PHE C 115 15.92 -21.88 -2.85
C PHE C 115 15.62 -23.36 -3.13
N PRO C 116 15.92 -24.27 -2.18
CA PRO C 116 15.70 -25.73 -2.26
C PRO C 116 14.23 -26.12 -2.04
N PRO C 117 13.89 -27.43 -2.21
CA PRO C 117 12.51 -27.96 -2.04
C PRO C 117 12.01 -27.82 -0.59
N SER C 118 10.68 -27.69 -0.38
CA SER C 118 10.17 -27.48 1.00
C SER C 118 10.14 -28.73 1.81
N THR C 119 10.32 -28.62 3.12
CA THR C 119 10.29 -29.85 3.91
C THR C 119 9.00 -30.52 3.42
N GLU C 120 8.07 -29.71 2.94
CA GLU C 120 6.82 -30.23 2.46
C GLU C 120 7.07 -30.66 1.02
N GLN C 121 7.21 -29.66 0.16
CA GLN C 121 7.46 -29.87 -1.25
C GLN C 121 8.29 -31.14 -1.50
N LEU C 122 9.16 -31.48 -0.55
CA LEU C 122 9.99 -32.67 -0.69
C LEU C 122 9.22 -33.95 -0.43
N ALA C 123 8.72 -34.06 0.81
CA ALA C 123 7.96 -35.22 1.34
C ALA C 123 6.90 -35.81 0.39
N THR C 124 6.90 -35.29 -0.82
CA THR C 124 5.95 -35.68 -1.84
C THR C 124 6.64 -36.29 -3.06
N GLY C 125 7.83 -36.87 -2.88
CA GLY C 125 8.52 -37.46 -4.03
C GLY C 125 8.94 -36.37 -5.02
N GLY C 126 8.61 -35.12 -4.64
CA GLY C 126 8.94 -33.95 -5.42
C GLY C 126 9.98 -33.17 -4.62
N ALA C 127 10.85 -32.48 -5.34
CA ALA C 127 11.89 -31.63 -4.77
C ALA C 127 12.14 -30.59 -5.84
N SER C 128 11.70 -29.35 -5.65
CA SER C 128 11.91 -28.34 -6.67
C SER C 128 12.79 -27.18 -6.27
N VAL C 129 13.98 -27.13 -6.87
CA VAL C 129 14.91 -26.08 -6.57
C VAL C 129 14.65 -24.96 -7.52
N VAL C 130 14.84 -23.76 -6.99
CA VAL C 130 14.67 -22.53 -7.75
C VAL C 130 15.82 -21.53 -7.58
N CYS C 131 16.07 -20.77 -8.64
CA CYS C 131 17.08 -19.73 -8.72
C CYS C 131 16.33 -18.50 -9.19
N LEU C 132 16.25 -17.47 -8.35
CA LEU C 132 15.55 -16.23 -8.74
C LEU C 132 16.54 -15.10 -9.04
N MET C 133 16.21 -14.28 -10.04
CA MET C 133 17.04 -13.13 -10.41
C MET C 133 16.18 -11.85 -10.46
N ASN C 134 16.39 -10.96 -9.48
CA ASN C 134 15.57 -9.78 -9.37
C ASN C 134 16.05 -8.42 -9.73
N ASN C 135 15.18 -7.74 -10.49
CA ASN C 135 15.44 -6.35 -10.94
C ASN C 135 16.76 -6.27 -11.73
N PHE C 136 16.78 -6.87 -12.92
CA PHE C 136 18.00 -6.86 -13.69
C PHE C 136 17.72 -6.24 -15.03
N TYR C 137 18.78 -5.72 -15.66
CA TYR C 137 18.67 -5.09 -16.94
C TYR C 137 20.05 -5.04 -17.47
N PRO C 138 20.22 -5.27 -18.78
CA PRO C 138 19.16 -5.58 -19.76
C PRO C 138 18.43 -6.91 -19.54
N ARG C 139 17.30 -7.03 -20.23
CA ARG C 139 16.44 -8.16 -20.12
C ARG C 139 17.16 -9.44 -20.36
N ASP C 140 18.31 -9.35 -20.98
CA ASP C 140 19.07 -10.56 -21.26
C ASP C 140 19.92 -11.13 -20.15
N ILE C 141 19.56 -12.34 -19.73
CA ILE C 141 20.28 -13.06 -18.69
C ILE C 141 20.45 -14.42 -19.37
N SER C 142 21.11 -15.32 -18.65
CA SER C 142 21.34 -16.68 -19.08
C SER C 142 21.41 -17.39 -17.75
N VAL C 143 20.96 -18.63 -17.70
CA VAL C 143 21.03 -19.33 -16.41
C VAL C 143 21.74 -20.67 -16.54
N LYS C 144 22.32 -21.13 -15.44
CA LYS C 144 22.98 -22.41 -15.48
C LYS C 144 22.72 -23.30 -14.25
N TRP C 145 21.92 -24.35 -14.50
CA TRP C 145 21.55 -25.34 -13.48
C TRP C 145 22.57 -26.46 -13.51
N LYS C 146 23.44 -26.43 -12.52
CA LYS C 146 24.47 -27.44 -12.38
C LYS C 146 24.37 -28.10 -10.99
N ILE C 147 24.56 -29.39 -10.94
CA ILE C 147 24.52 -30.13 -9.69
C ILE C 147 25.96 -30.58 -9.53
N ASP C 148 26.32 -31.07 -8.35
CA ASP C 148 27.69 -31.56 -8.09
C ASP C 148 28.57 -31.64 -9.37
N GLY C 149 29.23 -30.53 -9.74
CA GLY C 149 30.01 -30.49 -10.97
C GLY C 149 29.04 -30.57 -12.18
N THR C 150 28.19 -31.61 -12.15
CA THR C 150 27.11 -32.00 -13.10
C THR C 150 26.61 -31.05 -14.25
N GLU C 151 25.53 -30.35 -13.94
CA GLU C 151 24.86 -29.38 -14.80
C GLU C 151 23.65 -29.98 -15.53
N ARG C 152 22.59 -30.30 -14.76
CA ARG C 152 21.41 -30.88 -15.36
C ARG C 152 20.73 -29.77 -16.09
N ARG C 153 20.83 -29.84 -17.42
CA ARG C 153 20.27 -28.84 -18.30
C ARG C 153 18.83 -29.09 -18.76
N ASP C 154 18.05 -29.81 -17.97
CA ASP C 154 16.65 -30.07 -18.34
C ASP C 154 15.72 -30.45 -17.12
N GLY C 155 14.44 -30.11 -17.25
CA GLY C 155 13.47 -30.38 -16.21
C GLY C 155 13.27 -29.07 -15.48
N VAL C 156 13.68 -28.02 -16.20
CA VAL C 156 13.65 -26.65 -15.72
C VAL C 156 12.94 -25.69 -16.68
N LEU C 157 12.12 -24.79 -16.11
CA LEU C 157 11.37 -23.77 -16.86
C LEU C 157 11.56 -22.46 -16.11
N ASP C 158 11.23 -21.34 -16.75
CA ASP C 158 11.42 -20.00 -16.14
C ASP C 158 10.64 -18.93 -16.84
N SER C 159 10.41 -17.83 -16.13
CA SER C 159 9.61 -16.71 -16.65
C SER C 159 10.37 -15.35 -16.48
N VAL C 160 9.77 -14.24 -16.93
CA VAL C 160 10.50 -12.99 -16.81
C VAL C 160 9.87 -11.80 -16.18
N THR C 161 8.55 -11.70 -16.18
CA THR C 161 7.92 -10.52 -15.58
C THR C 161 8.03 -9.39 -16.58
N ASP C 162 7.23 -8.35 -16.38
CA ASP C 162 7.26 -7.20 -17.29
C ASP C 162 8.19 -6.09 -16.82
N GLN C 163 8.47 -5.15 -17.70
CA GLN C 163 9.31 -4.04 -17.33
C GLN C 163 8.54 -3.33 -16.23
N ASP C 164 9.28 -2.81 -15.24
CA ASP C 164 8.74 -2.14 -14.06
C ASP C 164 8.06 -0.75 -14.17
N SER C 165 6.86 -0.64 -13.58
CA SER C 165 6.11 0.61 -13.56
C SER C 165 7.16 1.52 -12.91
N LYS C 166 7.98 0.95 -12.01
CA LYS C 166 8.98 1.71 -11.26
C LYS C 166 10.43 1.80 -11.75
N ASP C 167 11.30 0.85 -11.39
CA ASP C 167 12.70 0.90 -11.81
C ASP C 167 13.00 0.05 -13.05
N SER C 168 12.42 0.42 -14.18
CA SER C 168 12.56 -0.32 -15.44
C SER C 168 13.40 -1.62 -15.55
N THR C 169 13.46 -2.46 -14.53
CA THR C 169 14.24 -3.69 -14.65
C THR C 169 13.33 -4.86 -14.93
N TYR C 170 13.96 -6.01 -15.15
CA TYR C 170 13.25 -7.26 -15.41
C TYR C 170 13.55 -8.13 -14.25
N SER C 171 12.88 -9.26 -14.22
CA SER C 171 13.15 -10.18 -13.15
C SER C 171 12.99 -11.58 -13.77
N MET C 172 13.55 -12.62 -13.15
CA MET C 172 13.46 -13.91 -13.78
C MET C 172 13.66 -15.06 -12.84
N SER C 173 12.59 -15.81 -12.70
CA SER C 173 12.57 -16.99 -11.87
C SER C 173 12.80 -18.10 -12.85
N SER C 174 13.41 -19.16 -12.35
CA SER C 174 13.70 -20.32 -13.15
C SER C 174 13.78 -21.35 -12.12
N THR C 175 13.12 -22.45 -12.38
CA THR C 175 13.12 -23.56 -11.44
C THR C 175 13.38 -24.92 -12.10
N LEU C 176 14.40 -25.60 -11.57
CA LEU C 176 14.79 -26.92 -12.02
C LEU C 176 14.08 -27.78 -11.01
N SER C 177 13.58 -28.88 -11.51
CA SER C 177 12.87 -29.76 -10.64
C SER C 177 13.23 -31.21 -10.87
N LEU C 178 13.15 -31.98 -9.80
CA LEU C 178 13.39 -33.39 -9.82
C LEU C 178 12.72 -34.16 -8.67
N THR C 179 13.00 -35.44 -8.67
CA THR C 179 12.51 -36.39 -7.68
C THR C 179 12.89 -36.08 -6.25
N LYS C 180 12.16 -36.66 -5.31
CA LYS C 180 12.54 -36.52 -3.90
C LYS C 180 13.80 -37.43 -3.91
N ALA C 181 13.82 -38.23 -4.98
CA ALA C 181 14.84 -39.25 -5.27
C ALA C 181 16.26 -38.72 -5.46
N ASP C 182 16.66 -38.48 -6.71
CA ASP C 182 18.02 -38.01 -6.96
C ASP C 182 18.21 -36.68 -6.31
N TYR C 183 17.09 -36.01 -5.97
CA TYR C 183 17.27 -34.75 -5.31
C TYR C 183 17.82 -35.16 -3.95
N GLU C 184 17.36 -36.28 -3.42
CA GLU C 184 17.91 -36.72 -2.13
C GLU C 184 19.37 -37.15 -2.41
N SER C 185 19.54 -37.76 -3.59
CA SER C 185 20.81 -38.32 -4.11
C SER C 185 21.99 -37.33 -4.25
N HIS C 186 21.84 -36.11 -3.71
CA HIS C 186 22.91 -35.10 -3.76
C HIS C 186 22.88 -34.10 -2.56
N ASN C 187 24.03 -33.50 -2.21
CA ASN C 187 24.02 -32.52 -1.12
C ASN C 187 23.98 -31.11 -1.80
N LEU C 188 25.01 -30.96 -2.62
CA LEU C 188 25.40 -29.86 -3.48
C LEU C 188 24.30 -29.41 -4.44
N TYR C 189 23.99 -28.10 -4.50
CA TYR C 189 22.98 -27.54 -5.44
C TYR C 189 23.27 -26.12 -5.85
N THR C 190 23.71 -25.96 -7.09
CA THR C 190 24.09 -24.65 -7.64
C THR C 190 23.53 -24.12 -8.99
N CYS C 191 23.48 -22.80 -9.07
CA CYS C 191 22.96 -22.12 -10.21
C CYS C 191 23.83 -20.95 -10.55
N GLU C 192 24.46 -21.00 -11.72
CA GLU C 192 25.27 -19.87 -12.16
C GLU C 192 24.28 -19.00 -12.89
N VAL C 193 24.49 -17.68 -12.87
CA VAL C 193 23.61 -16.76 -13.59
C VAL C 193 24.18 -16.31 -14.95
N VAL C 194 25.01 -15.24 -14.99
CA VAL C 194 25.61 -14.65 -16.25
C VAL C 194 24.82 -13.55 -16.94
N HIS C 195 25.19 -12.31 -16.67
CA HIS C 195 24.45 -11.21 -17.29
C HIS C 195 25.27 -10.53 -18.38
N LYS C 196 25.99 -9.49 -17.98
CA LYS C 196 26.80 -8.67 -18.83
C LYS C 196 27.32 -7.80 -17.72
N THR C 197 26.39 -7.39 -16.88
CA THR C 197 26.73 -6.56 -15.73
C THR C 197 28.04 -7.10 -15.19
N SER C 198 28.33 -8.37 -15.51
CA SER C 198 29.56 -9.03 -15.07
C SER C 198 29.92 -10.11 -16.05
N SER C 199 31.26 -10.19 -16.24
CA SER C 199 31.98 -11.12 -17.15
C SER C 199 32.11 -12.46 -16.42
N SER C 200 32.79 -12.36 -15.28
CA SER C 200 32.95 -13.48 -14.39
C SER C 200 31.44 -13.71 -14.07
N PRO C 201 31.01 -14.97 -13.95
CA PRO C 201 29.62 -15.29 -13.67
C PRO C 201 29.20 -15.31 -12.21
N VAL C 202 27.92 -15.10 -12.05
CA VAL C 202 27.23 -15.11 -10.77
C VAL C 202 26.69 -16.51 -10.52
N VAL C 203 26.77 -16.94 -9.28
CA VAL C 203 26.28 -18.28 -8.99
C VAL C 203 26.14 -18.48 -7.49
N LYS C 204 24.96 -18.96 -7.08
CA LYS C 204 24.74 -19.20 -5.67
C LYS C 204 24.49 -20.69 -5.52
N SER C 205 24.93 -21.26 -4.38
CA SER C 205 24.83 -22.70 -4.13
C SER C 205 24.08 -23.10 -2.86
N PHE C 206 24.01 -24.41 -2.63
CA PHE C 206 23.38 -25.01 -1.43
C PHE C 206 23.71 -26.52 -1.21
N ASN C 207 23.69 -27.02 0.04
CA ASN C 207 24.03 -28.44 0.33
C ASN C 207 23.04 -29.31 1.14
N ARG C 208 22.30 -30.17 0.45
CA ARG C 208 21.29 -31.06 1.05
C ARG C 208 20.68 -30.58 2.41
N ASN C 209 20.92 -31.36 3.45
CA ASN C 209 20.41 -31.09 4.81
C ASN C 209 20.97 -29.79 5.41
N GLU C 210 21.11 -28.73 4.62
CA GLU C 210 21.65 -27.49 5.11
C GLU C 210 20.74 -26.33 4.78
N CYS C 211 20.42 -25.54 5.82
CA CYS C 211 19.50 -24.39 5.73
C CYS C 211 19.27 -23.60 7.03
N GLN D 1 -17.37 7.97 -11.59
CA GLN D 1 -18.15 6.99 -10.77
C GLN D 1 -18.71 5.75 -11.51
N VAL D 2 -18.10 5.42 -12.66
CA VAL D 2 -18.51 4.31 -13.52
C VAL D 2 -17.73 3.02 -13.26
N GLN D 3 -18.44 1.94 -13.02
CA GLN D 3 -17.76 0.67 -12.78
C GLN D 3 -18.21 -0.25 -13.86
N LEU D 4 -17.69 -1.47 -13.91
CA LEU D 4 -18.10 -2.40 -14.95
C LEU D 4 -17.46 -3.73 -14.62
N LEU D 5 -18.14 -4.55 -13.77
CA LEU D 5 -17.64 -5.89 -13.35
C LEU D 5 -18.30 -7.05 -14.10
N GLU D 6 -17.45 -8.05 -14.30
CA GLU D 6 -17.84 -9.16 -15.09
C GLU D 6 -17.62 -10.44 -14.40
N SER D 7 -18.69 -11.19 -14.25
CA SER D 7 -18.67 -12.49 -13.60
C SER D 7 -18.88 -13.59 -14.65
N GLY D 8 -18.31 -14.78 -14.38
CA GLY D 8 -18.42 -15.90 -15.32
C GLY D 8 -17.61 -17.13 -15.02
N PRO D 9 -17.99 -18.27 -15.57
CA PRO D 9 -17.22 -19.47 -15.29
C PRO D 9 -15.77 -19.31 -15.56
N GLY D 10 -14.99 -20.13 -14.89
CA GLY D 10 -13.56 -20.07 -15.08
C GLY D 10 -13.28 -21.06 -16.17
N LEU D 11 -13.82 -22.28 -15.99
CA LEU D 11 -13.65 -23.38 -16.97
C LEU D 11 -14.92 -23.59 -17.76
N VAL D 12 -14.78 -24.03 -19.00
CA VAL D 12 -15.97 -24.31 -19.82
C VAL D 12 -15.57 -25.50 -20.65
N ARG D 13 -16.42 -26.51 -20.71
CA ARG D 13 -16.03 -27.68 -21.48
C ARG D 13 -16.16 -27.30 -22.93
N PRO D 14 -15.42 -27.93 -23.84
CA PRO D 14 -15.66 -27.48 -25.19
C PRO D 14 -17.14 -27.69 -25.53
N SER D 15 -17.48 -27.67 -26.81
CA SER D 15 -18.88 -27.88 -27.16
C SER D 15 -19.80 -26.86 -26.45
N GLU D 16 -19.73 -26.92 -25.12
CA GLU D 16 -20.52 -26.14 -24.21
C GLU D 16 -21.06 -24.81 -24.63
N THR D 17 -21.33 -24.00 -23.62
CA THR D 17 -21.87 -22.66 -23.84
C THR D 17 -21.25 -21.73 -22.81
N LEU D 18 -20.56 -20.71 -23.29
CA LEU D 18 -19.96 -19.78 -22.37
C LEU D 18 -21.04 -18.77 -22.06
N SER D 19 -20.99 -18.24 -20.85
CA SER D 19 -21.96 -17.22 -20.51
C SER D 19 -21.53 -16.33 -19.35
N LEU D 20 -21.11 -15.10 -19.69
CA LEU D 20 -20.64 -14.10 -18.72
C LEU D 20 -21.71 -13.05 -18.39
N THR D 21 -21.39 -12.19 -17.42
CA THR D 21 -22.35 -11.15 -16.99
C THR D 21 -21.72 -9.74 -16.71
N CYS D 22 -21.96 -8.76 -17.60
CA CYS D 22 -21.38 -7.44 -17.33
C CYS D 22 -22.34 -6.94 -16.32
N THR D 23 -21.84 -6.32 -15.25
CA THR D 23 -22.73 -5.77 -14.18
C THR D 23 -22.40 -4.27 -13.93
N VAL D 24 -23.00 -3.37 -14.73
CA VAL D 24 -22.70 -1.94 -14.61
C VAL D 24 -23.10 -1.12 -13.35
N SER D 25 -22.28 -0.11 -13.09
CA SER D 25 -22.43 0.83 -11.96
C SER D 25 -22.08 2.28 -12.36
N GLY D 26 -22.87 3.25 -11.95
CA GLY D 26 -22.45 4.60 -12.28
C GLY D 26 -23.21 5.15 -13.44
N PHE D 27 -23.95 4.27 -14.12
CA PHE D 27 -24.79 4.70 -15.23
C PHE D 27 -26.07 3.95 -15.45
N SER D 28 -26.68 4.23 -16.60
CA SER D 28 -27.97 3.65 -16.96
C SER D 28 -27.93 2.94 -18.31
N LEU D 29 -28.24 1.65 -18.27
CA LEU D 29 -28.23 0.84 -19.45
C LEU D 29 -29.28 1.24 -20.50
N THR D 30 -30.01 2.31 -20.27
CA THR D 30 -30.98 2.75 -21.24
C THR D 30 -30.46 4.11 -21.71
N SER D 31 -29.29 4.50 -21.20
CA SER D 31 -28.71 5.78 -21.59
C SER D 31 -27.25 5.63 -21.93
N PHE D 32 -26.81 4.41 -22.23
CA PHE D 32 -25.44 4.14 -22.64
C PHE D 32 -25.41 2.83 -23.38
N SER D 33 -24.28 2.45 -23.93
CA SER D 33 -24.20 1.19 -24.62
C SER D 33 -23.15 0.38 -23.94
N VAL D 34 -23.19 -0.91 -24.11
CA VAL D 34 -22.20 -1.71 -23.48
C VAL D 34 -21.92 -2.77 -24.51
N SER D 35 -20.69 -3.31 -24.52
CA SER D 35 -20.36 -4.37 -25.48
C SER D 35 -19.36 -5.28 -24.88
N TRP D 36 -19.19 -6.40 -25.56
CA TRP D 36 -18.26 -7.41 -25.14
C TRP D 36 -17.07 -7.35 -26.08
N VAL D 37 -15.86 -7.44 -25.53
CA VAL D 37 -14.62 -7.45 -26.32
C VAL D 37 -13.74 -8.51 -25.68
N ARG D 38 -13.02 -9.32 -26.47
CA ARG D 38 -12.18 -10.35 -25.88
C ARG D 38 -10.76 -10.28 -26.32
N HIS D 39 -9.93 -11.06 -25.67
CA HIS D 39 -8.48 -11.12 -25.99
C HIS D 39 -8.02 -12.59 -26.07
N PRO D 40 -8.40 -13.24 -27.14
CA PRO D 40 -8.05 -14.63 -27.32
C PRO D 40 -6.64 -14.87 -27.05
N SER D 41 -6.38 -15.70 -26.04
CA SER D 41 -5.01 -16.08 -25.65
C SER D 41 -4.20 -16.20 -26.96
N GLY D 42 -3.15 -15.41 -27.09
CA GLY D 42 -2.29 -15.44 -28.27
C GLY D 42 -2.82 -14.71 -29.47
N LYS D 43 -3.47 -13.57 -29.26
CA LYS D 43 -4.04 -12.78 -30.33
C LYS D 43 -4.28 -11.37 -29.80
N GLY D 44 -4.76 -10.47 -30.68
CA GLY D 44 -5.03 -9.10 -30.25
C GLY D 44 -6.48 -8.95 -29.87
N PRO D 45 -6.94 -7.81 -29.35
CA PRO D 45 -8.34 -7.58 -28.95
C PRO D 45 -9.34 -7.79 -30.08
N GLU D 46 -10.53 -8.24 -29.74
CA GLU D 46 -11.55 -8.41 -30.74
C GLU D 46 -12.93 -7.94 -30.20
N TRP D 47 -13.57 -7.05 -30.93
CA TRP D 47 -14.84 -6.60 -30.50
C TRP D 47 -15.84 -7.70 -30.85
N MET D 48 -16.69 -8.17 -29.91
CA MET D 48 -17.70 -9.24 -30.19
C MET D 48 -19.13 -8.82 -30.59
N GLY D 49 -19.82 -8.06 -29.77
CA GLY D 49 -21.16 -7.58 -30.12
C GLY D 49 -21.41 -6.29 -29.32
N ARG D 50 -22.44 -5.52 -29.64
CA ARG D 50 -22.65 -4.32 -28.83
C ARG D 50 -24.07 -4.30 -28.47
N MET D 51 -24.38 -3.77 -27.30
CA MET D 51 -25.74 -3.76 -26.78
C MET D 51 -26.21 -2.42 -26.61
N TRP D 52 -26.84 -1.87 -27.62
CA TRP D 52 -27.31 -0.48 -27.57
C TRP D 52 -28.03 0.03 -26.33
N TYR D 53 -28.46 1.27 -26.34
CA TYR D 53 -29.13 1.84 -25.21
C TYR D 53 -30.57 1.56 -25.41
N ASP D 54 -30.91 1.39 -26.68
CA ASP D 54 -32.30 1.11 -27.09
C ASP D 54 -32.56 -0.36 -27.37
N GLY D 55 -31.76 -1.25 -26.78
CA GLY D 55 -32.02 -2.66 -26.98
C GLY D 55 -31.46 -3.36 -28.16
N TYR D 56 -31.31 -2.68 -29.29
CA TYR D 56 -30.72 -3.30 -30.46
C TYR D 56 -29.35 -3.97 -30.11
N THR D 57 -28.98 -5.07 -30.75
CA THR D 57 -27.66 -5.65 -30.41
C THR D 57 -27.01 -5.82 -31.78
N ALA D 58 -25.69 -5.83 -31.85
CA ALA D 58 -24.99 -5.96 -33.15
C ALA D 58 -23.86 -6.91 -32.92
N TYR D 59 -23.65 -7.82 -33.87
CA TYR D 59 -22.59 -8.81 -33.67
C TYR D 59 -21.49 -8.87 -34.71
N ASN D 60 -20.33 -9.31 -34.24
CA ASN D 60 -19.17 -9.41 -35.10
C ASN D 60 -19.43 -10.55 -36.02
N SER D 61 -20.05 -10.25 -37.14
CA SER D 61 -20.33 -11.24 -38.15
C SER D 61 -19.71 -12.57 -37.84
N ALA D 62 -18.41 -12.56 -37.77
CA ALA D 62 -17.69 -13.79 -37.52
C ALA D 62 -18.16 -14.60 -36.29
N LEU D 63 -18.27 -13.87 -35.20
CA LEU D 63 -18.66 -14.38 -33.90
C LEU D 63 -20.15 -14.41 -33.77
N LYS D 64 -20.87 -13.78 -34.71
CA LYS D 64 -22.32 -13.75 -34.61
C LYS D 64 -23.00 -15.09 -34.46
N SER D 65 -22.86 -15.88 -35.51
CA SER D 65 -23.41 -17.23 -35.59
C SER D 65 -23.51 -18.09 -34.27
N ARG D 66 -22.71 -17.78 -33.25
CA ARG D 66 -22.75 -18.54 -31.98
C ARG D 66 -22.72 -17.67 -30.74
N LEU D 67 -22.61 -16.35 -30.89
CA LEU D 67 -22.57 -15.48 -29.73
C LEU D 67 -23.78 -14.60 -29.75
N SER D 68 -24.39 -14.43 -28.57
CA SER D 68 -25.62 -13.65 -28.45
C SER D 68 -25.76 -12.87 -27.15
N ILE D 69 -25.83 -11.55 -27.29
CA ILE D 69 -25.90 -10.58 -26.18
C ILE D 69 -27.30 -10.11 -25.86
N SER D 70 -27.53 -9.77 -24.59
CA SER D 70 -28.84 -9.25 -24.13
C SER D 70 -28.68 -8.56 -22.77
N ARG D 71 -29.69 -7.85 -22.30
CA ARG D 71 -29.46 -7.20 -21.03
C ARG D 71 -30.64 -7.24 -20.11
N ASP D 72 -30.46 -6.78 -18.88
CA ASP D 72 -31.58 -6.73 -17.95
C ASP D 72 -31.44 -5.47 -17.15
N THR D 73 -32.08 -4.40 -17.63
CA THR D 73 -31.99 -3.12 -16.95
C THR D 73 -32.25 -3.39 -15.47
N SER D 74 -33.49 -3.40 -15.02
CA SER D 74 -33.82 -3.69 -13.63
C SER D 74 -32.66 -4.05 -12.70
N LYS D 75 -31.83 -5.01 -13.11
CA LYS D 75 -30.71 -5.42 -12.26
C LYS D 75 -29.37 -4.88 -12.70
N ASN D 76 -29.37 -4.29 -13.89
CA ASN D 76 -28.21 -3.66 -14.51
C ASN D 76 -27.16 -4.60 -14.98
N GLN D 77 -27.48 -5.39 -15.98
CA GLN D 77 -26.47 -6.28 -16.46
C GLN D 77 -26.66 -6.38 -17.94
N VAL D 78 -25.56 -6.73 -18.59
CA VAL D 78 -25.57 -6.97 -20.01
C VAL D 78 -24.97 -8.38 -20.01
N PHE D 79 -25.61 -9.30 -20.76
CA PHE D 79 -25.14 -10.67 -20.81
C PHE D 79 -24.50 -11.15 -22.14
N LEU D 80 -23.80 -12.27 -22.01
CA LEU D 80 -23.16 -12.87 -23.15
C LEU D 80 -23.31 -14.39 -23.04
N LYS D 81 -23.78 -14.99 -24.12
CA LYS D 81 -23.97 -16.42 -24.20
C LYS D 81 -23.37 -16.81 -25.55
N MET D 82 -22.32 -17.63 -25.51
CA MET D 82 -21.70 -18.02 -26.74
C MET D 82 -21.69 -19.52 -26.83
N ASN D 83 -22.60 -20.04 -27.67
CA ASN D 83 -22.72 -21.48 -27.84
C ASN D 83 -21.78 -22.08 -28.89
N SER D 84 -21.09 -23.14 -28.47
CA SER D 84 -20.17 -23.92 -29.28
C SER D 84 -18.72 -23.42 -29.34
N LEU D 85 -18.15 -23.24 -28.17
CA LEU D 85 -16.79 -22.78 -28.03
C LEU D 85 -15.77 -23.73 -28.59
N GLN D 86 -14.57 -23.18 -28.81
CA GLN D 86 -13.42 -23.96 -29.27
C GLN D 86 -12.37 -23.70 -28.18
N THR D 87 -11.17 -24.16 -28.40
CA THR D 87 -10.11 -23.95 -27.46
C THR D 87 -9.47 -22.73 -28.09
N ASP D 88 -10.24 -22.07 -28.93
CA ASP D 88 -9.79 -20.90 -29.62
C ASP D 88 -10.31 -19.70 -28.89
N ASP D 89 -11.45 -19.89 -28.20
CA ASP D 89 -12.15 -18.84 -27.42
C ASP D 89 -11.56 -18.57 -26.07
N THR D 90 -10.45 -19.22 -25.76
CA THR D 90 -9.77 -19.04 -24.51
C THR D 90 -9.14 -17.68 -24.33
N GLY D 91 -9.20 -17.17 -23.10
CA GLY D 91 -8.63 -15.86 -22.78
C GLY D 91 -9.59 -14.97 -22.03
N THR D 92 -9.13 -13.79 -21.60
CA THR D 92 -9.97 -12.89 -20.82
C THR D 92 -10.98 -12.13 -21.65
N TYR D 93 -12.19 -12.04 -21.14
CA TYR D 93 -13.30 -11.36 -21.82
C TYR D 93 -13.65 -10.07 -21.07
N TYR D 94 -13.84 -8.96 -21.76
CA TYR D 94 -14.17 -7.77 -21.04
C TYR D 94 -15.42 -7.23 -21.65
N CYS D 95 -16.10 -6.38 -20.88
CA CYS D 95 -17.29 -5.68 -21.34
C CYS D 95 -16.98 -4.21 -21.14
N THR D 96 -17.54 -3.37 -22.01
CA THR D 96 -17.20 -1.96 -21.99
C THR D 96 -18.35 -1.00 -22.00
N ARG D 97 -18.06 0.28 -21.77
CA ARG D 97 -19.08 1.35 -21.84
C ARG D 97 -18.82 1.97 -23.22
N ASP D 98 -19.77 2.55 -23.92
CA ASP D 98 -19.41 3.05 -25.23
C ASP D 98 -19.95 4.42 -25.55
N LEU D 99 -19.15 5.37 -26.00
CA LEU D 99 -19.72 6.70 -26.36
C LEU D 99 -19.78 6.83 -27.89
N TYR D 100 -19.84 8.05 -28.46
CA TYR D 100 -19.83 8.35 -29.91
C TYR D 100 -19.28 7.33 -30.94
N GLY D 101 -18.62 6.26 -30.48
CA GLY D 101 -18.09 5.22 -31.37
C GLY D 101 -17.29 4.17 -30.61
N GLY D 102 -16.33 4.63 -29.77
CA GLY D 102 -15.44 3.76 -29.02
C GLY D 102 -15.83 3.70 -27.58
N TYR D 103 -14.92 3.25 -26.69
CA TYR D 103 -15.25 3.12 -25.26
C TYR D 103 -14.45 4.00 -24.37
N PRO D 104 -15.07 4.72 -23.38
CA PRO D 104 -14.31 5.62 -22.51
C PRO D 104 -13.76 4.84 -21.39
N LEU D 105 -14.73 4.46 -20.59
CA LEU D 105 -14.44 3.74 -19.39
C LEU D 105 -14.60 2.29 -19.66
N GLY D 106 -14.83 1.66 -18.52
CA GLY D 106 -15.09 0.25 -18.49
C GLY D 106 -13.90 -0.60 -18.87
N PHE D 107 -14.01 -1.87 -18.45
CA PHE D 107 -13.01 -2.87 -18.72
C PHE D 107 -12.59 -3.42 -17.32
N TRP D 108 -13.16 -4.45 -16.71
CA TRP D 108 -12.50 -4.81 -15.44
C TRP D 108 -11.46 -5.85 -15.63
N TYR D 109 -11.73 -6.77 -16.55
CA TYR D 109 -10.86 -7.94 -16.89
C TYR D 109 -11.45 -9.29 -16.35
N PHE D 110 -11.63 -10.25 -17.25
CA PHE D 110 -12.06 -11.57 -16.79
C PHE D 110 -11.73 -12.84 -17.69
N ASP D 111 -10.82 -13.73 -17.19
CA ASP D 111 -10.30 -14.93 -17.89
C ASP D 111 -11.19 -16.10 -18.25
N PHE D 112 -10.62 -16.99 -19.06
CA PHE D 112 -11.39 -18.14 -19.57
C PHE D 112 -10.80 -19.45 -20.06
N TRP D 113 -9.86 -20.08 -19.34
CA TRP D 113 -9.33 -21.36 -19.79
C TRP D 113 -10.54 -22.21 -20.21
N GLY D 114 -10.70 -22.43 -21.52
CA GLY D 114 -11.85 -23.18 -22.07
C GLY D 114 -11.65 -24.55 -22.71
N PRO D 115 -11.05 -25.54 -22.01
CA PRO D 115 -10.72 -26.93 -22.33
C PRO D 115 -11.62 -27.94 -21.56
N GLY D 116 -11.56 -29.20 -22.07
CA GLY D 116 -12.35 -30.34 -21.63
C GLY D 116 -11.60 -31.09 -20.62
N THR D 117 -11.47 -30.42 -19.52
CA THR D 117 -10.74 -30.98 -18.45
C THR D 117 -11.31 -30.31 -17.29
N MET D 118 -10.83 -30.65 -16.11
CA MET D 118 -11.34 -30.02 -14.91
C MET D 118 -10.26 -29.19 -14.21
N VAL D 119 -10.66 -28.68 -13.06
CA VAL D 119 -9.83 -27.85 -12.21
C VAL D 119 -8.69 -28.66 -11.66
N THR D 120 -8.08 -28.08 -10.63
CA THR D 120 -6.95 -28.63 -9.88
C THR D 120 -6.44 -27.53 -8.94
N VAL D 121 -6.73 -27.65 -7.65
CA VAL D 121 -6.30 -26.67 -6.66
C VAL D 121 -4.81 -26.53 -6.76
N SER D 122 -4.37 -25.36 -6.35
CA SER D 122 -2.98 -24.99 -6.35
C SER D 122 -2.26 -25.71 -5.22
N SER D 123 -0.94 -25.81 -5.27
CA SER D 123 -0.15 -26.47 -4.22
C SER D 123 0.94 -25.52 -3.72
N VAL D 124 0.74 -24.98 -2.54
CA VAL D 124 1.66 -23.98 -1.99
C VAL D 124 2.81 -24.34 -1.04
N PHE D 125 3.98 -24.53 -1.63
CA PHE D 125 5.20 -24.83 -0.91
C PHE D 125 5.99 -23.46 -0.70
N PRO D 126 6.69 -23.29 0.44
CA PRO D 126 7.47 -22.11 0.80
C PRO D 126 8.87 -21.99 0.14
N LEU D 127 9.38 -20.75 0.10
CA LEU D 127 10.71 -20.47 -0.45
C LEU D 127 11.54 -19.71 0.58
N ALA D 128 12.64 -20.30 1.02
CA ALA D 128 13.50 -19.68 2.01
C ALA D 128 14.95 -20.20 2.02
N PRO D 129 15.90 -19.38 2.52
CA PRO D 129 17.36 -19.58 2.67
C PRO D 129 17.94 -20.80 3.38
N GLY D 130 18.80 -21.52 2.65
CA GLY D 130 19.42 -22.71 3.18
C GLY D 130 20.47 -22.27 4.20
N SER D 131 20.05 -21.39 5.11
CA SER D 131 20.89 -20.79 6.17
C SER D 131 21.35 -19.46 5.52
N ALA D 132 22.25 -19.61 4.54
CA ALA D 132 22.83 -18.55 3.71
C ALA D 132 22.77 -17.04 4.17
N ALA D 133 21.77 -16.34 3.60
CA ALA D 133 21.54 -14.91 3.87
C ALA D 133 21.26 -14.65 5.37
N GLN D 134 22.02 -13.72 5.98
CA GLN D 134 21.81 -13.41 7.39
C GLN D 134 21.67 -11.96 7.88
N THR D 135 22.78 -11.23 7.85
CA THR D 135 22.81 -9.87 8.38
C THR D 135 22.42 -8.73 7.47
N ASN D 136 22.65 -8.88 6.15
CA ASN D 136 22.29 -7.80 5.24
C ASN D 136 20.85 -7.39 5.47
N SER D 137 20.65 -6.08 5.56
CA SER D 137 19.32 -5.57 5.75
C SER D 137 18.39 -6.53 5.00
N MET D 138 18.40 -6.41 3.68
CA MET D 138 17.56 -7.15 2.76
C MET D 138 17.58 -8.70 2.57
N VAL D 139 16.44 -9.36 2.87
CA VAL D 139 16.22 -10.83 2.68
C VAL D 139 15.08 -11.04 1.62
N THR D 140 15.34 -11.88 0.62
CA THR D 140 14.31 -12.17 -0.38
C THR D 140 13.70 -13.56 -0.06
N LEU D 141 12.38 -13.62 -0.02
CA LEU D 141 11.69 -14.87 0.29
C LEU D 141 10.66 -15.11 -0.80
N GLY D 142 9.82 -16.12 -0.62
CA GLY D 142 8.85 -16.37 -1.66
C GLY D 142 8.04 -17.61 -1.48
N CYS D 143 7.13 -17.85 -2.42
CA CYS D 143 6.30 -19.01 -2.32
C CYS D 143 6.30 -19.67 -3.70
N LEU D 144 6.15 -20.99 -3.76
CA LEU D 144 6.03 -21.65 -5.04
C LEU D 144 4.58 -22.20 -5.13
N VAL D 145 3.70 -21.53 -5.85
CA VAL D 145 2.32 -21.99 -5.99
C VAL D 145 2.34 -22.99 -7.09
N LYS D 146 2.14 -24.27 -6.78
CA LYS D 146 2.22 -25.35 -7.79
C LYS D 146 0.99 -26.12 -8.21
N GLY D 147 1.17 -26.84 -9.31
CA GLY D 147 0.12 -27.67 -9.90
C GLY D 147 -1.32 -27.26 -9.80
N TYR D 148 -1.70 -26.20 -10.52
CA TYR D 148 -3.09 -25.78 -10.48
C TYR D 148 -3.56 -25.50 -11.92
N PHE D 149 -4.86 -25.51 -12.14
CA PHE D 149 -5.46 -25.19 -13.44
C PHE D 149 -6.96 -24.95 -13.14
N PRO D 150 -7.63 -24.03 -13.87
CA PRO D 150 -7.12 -23.20 -14.95
C PRO D 150 -6.52 -21.96 -14.37
N GLU D 151 -6.08 -21.08 -15.26
CA GLU D 151 -5.54 -19.83 -14.84
C GLU D 151 -6.70 -19.02 -14.19
N PRO D 152 -6.41 -18.08 -13.25
CA PRO D 152 -5.21 -17.54 -12.58
C PRO D 152 -5.19 -17.63 -11.06
N VAL D 153 -4.01 -17.64 -10.49
CA VAL D 153 -3.86 -17.62 -9.05
C VAL D 153 -3.44 -16.16 -8.81
N THR D 154 -3.55 -15.68 -7.56
CA THR D 154 -3.19 -14.30 -7.19
C THR D 154 -2.57 -14.19 -5.78
N VAL D 155 -1.25 -14.11 -5.73
CA VAL D 155 -0.49 -14.05 -4.51
C VAL D 155 -0.34 -12.66 -3.89
N THR D 156 -0.47 -12.54 -2.57
CA THR D 156 -0.29 -11.26 -1.89
C THR D 156 0.35 -11.60 -0.59
N TRP D 157 1.51 -11.05 -0.35
CA TRP D 157 2.27 -11.30 0.87
C TRP D 157 1.75 -10.45 1.98
N ASN D 158 1.83 -10.98 3.20
CA ASN D 158 1.35 -10.30 4.40
C ASN D 158 0.14 -9.45 4.09
N SER D 159 -0.93 -10.15 3.72
CA SER D 159 -2.22 -9.57 3.36
C SER D 159 -2.15 -8.31 2.52
N GLY D 160 -1.01 -8.13 1.86
CA GLY D 160 -0.83 -6.99 0.99
C GLY D 160 -0.46 -5.71 1.71
N ALA D 161 0.36 -5.84 2.72
CA ALA D 161 0.80 -4.69 3.44
C ALA D 161 2.23 -4.52 3.03
N LEU D 162 2.73 -5.52 2.31
CA LEU D 162 4.09 -5.51 1.80
C LEU D 162 4.06 -4.72 0.47
N SER D 163 4.11 -5.40 -0.67
CA SER D 163 4.03 -4.71 -1.96
C SER D 163 5.38 -4.26 -2.55
N SER D 164 6.10 -3.43 -1.81
CA SER D 164 7.39 -3.00 -2.32
C SER D 164 8.24 -4.26 -2.44
N GLY D 165 8.71 -4.61 -3.62
CA GLY D 165 9.55 -5.79 -3.67
C GLY D 165 8.84 -7.14 -3.81
N VAL D 166 7.55 -7.02 -4.04
CA VAL D 166 6.77 -8.20 -4.21
C VAL D 166 6.91 -8.51 -5.69
N HIS D 167 7.34 -9.73 -5.98
CA HIS D 167 7.54 -10.22 -7.35
C HIS D 167 6.80 -11.53 -7.66
N THR D 168 5.84 -11.48 -8.56
CA THR D 168 5.19 -12.72 -8.88
C THR D 168 5.33 -12.93 -10.39
N PHE D 169 6.33 -13.74 -10.77
CA PHE D 169 6.63 -14.06 -12.16
C PHE D 169 5.41 -14.73 -12.74
N PRO D 170 5.27 -14.74 -14.08
CA PRO D 170 4.13 -15.35 -14.72
C PRO D 170 4.36 -16.85 -14.59
N ALA D 171 3.35 -17.66 -14.95
CA ALA D 171 3.47 -19.11 -14.80
C ALA D 171 3.79 -19.85 -16.06
N VAL D 172 4.19 -21.09 -15.90
CA VAL D 172 4.46 -21.97 -17.01
C VAL D 172 3.66 -23.24 -16.90
N LEU D 173 3.45 -23.88 -18.06
CA LEU D 173 2.67 -25.12 -18.19
C LEU D 173 3.42 -26.42 -18.02
N GLN D 174 2.82 -27.33 -17.25
CA GLN D 174 3.42 -28.62 -16.97
C GLN D 174 2.78 -29.76 -17.75
N SER D 175 2.64 -30.91 -17.11
CA SER D 175 1.89 -31.99 -17.76
C SER D 175 0.46 -31.46 -17.57
N GLY D 176 0.05 -30.56 -18.44
CA GLY D 176 -1.28 -29.98 -18.35
C GLY D 176 -1.56 -29.11 -17.14
N LEU D 177 -0.53 -28.78 -16.37
CA LEU D 177 -0.75 -27.99 -15.20
C LEU D 177 0.11 -26.77 -15.05
N TYR D 178 -0.54 -25.69 -14.59
CA TYR D 178 0.14 -24.43 -14.34
C TYR D 178 0.68 -24.39 -12.93
N THR D 179 1.83 -23.73 -12.82
CA THR D 179 2.52 -23.51 -11.57
C THR D 179 3.34 -22.26 -11.80
N LEU D 180 3.31 -21.34 -10.82
CA LEU D 180 4.04 -20.07 -10.83
C LEU D 180 4.72 -19.95 -9.48
N THR D 181 5.70 -19.04 -9.37
CA THR D 181 6.41 -18.83 -8.11
C THR D 181 6.67 -17.33 -7.80
N SER D 182 5.82 -16.71 -6.96
CA SER D 182 5.97 -15.29 -6.55
C SER D 182 6.97 -15.22 -5.39
N SER D 183 7.68 -14.09 -5.30
CA SER D 183 8.70 -13.88 -4.26
C SER D 183 8.58 -12.52 -3.61
N VAL D 184 9.20 -12.35 -2.42
CA VAL D 184 9.15 -11.06 -1.70
C VAL D 184 10.52 -10.65 -1.26
N THR D 185 10.71 -9.38 -0.95
CA THR D 185 12.02 -8.89 -0.50
C THR D 185 11.91 -7.92 0.67
N VAL D 186 12.46 -8.36 1.78
CA VAL D 186 12.35 -7.54 2.94
C VAL D 186 13.61 -7.40 3.75
N PRO D 187 13.69 -6.31 4.54
CA PRO D 187 14.84 -6.04 5.38
C PRO D 187 14.85 -7.15 6.42
N SER D 188 16.04 -7.70 6.70
CA SER D 188 16.25 -8.76 7.64
C SER D 188 15.55 -8.50 9.03
N SER D 189 15.51 -7.24 9.46
CA SER D 189 14.82 -6.82 10.69
C SER D 189 13.40 -7.46 10.71
N THR D 190 12.62 -7.11 9.69
CA THR D 190 11.26 -7.58 9.49
C THR D 190 11.05 -9.12 9.33
N TRP D 191 12.09 -9.80 8.89
CA TRP D 191 12.07 -11.25 8.67
C TRP D 191 11.88 -11.85 10.06
N SER D 192 12.86 -11.62 10.94
CA SER D 192 12.78 -12.11 12.32
C SER D 192 11.93 -11.02 12.93
N SER D 193 11.50 -11.20 14.17
CA SER D 193 10.69 -10.18 14.80
C SER D 193 9.74 -9.62 13.76
N GLN D 194 8.53 -10.17 13.70
CA GLN D 194 7.53 -9.78 12.73
C GLN D 194 7.52 -10.97 11.73
N ALA D 195 6.37 -11.32 11.18
CA ALA D 195 6.36 -12.48 10.28
C ALA D 195 5.84 -12.24 8.86
N VAL D 196 6.63 -12.67 7.87
CA VAL D 196 6.28 -12.54 6.46
C VAL D 196 5.62 -13.82 6.00
N THR D 197 4.47 -13.64 5.34
CA THR D 197 3.59 -14.71 4.84
C THR D 197 2.96 -14.40 3.47
N CYS D 198 2.96 -15.38 2.57
CA CYS D 198 2.31 -15.16 1.28
C CYS D 198 0.88 -15.64 1.42
N ASN D 199 0.02 -15.20 0.52
CA ASN D 199 -1.38 -15.54 0.58
C ASN D 199 -1.82 -16.07 -0.77
N VAL D 200 -2.22 -17.33 -0.88
CA VAL D 200 -2.65 -17.74 -2.21
C VAL D 200 -4.13 -17.88 -2.40
N ALA D 201 -4.57 -17.54 -3.61
CA ALA D 201 -5.98 -17.61 -4.00
C ALA D 201 -6.11 -18.19 -5.39
N HIS D 202 -7.04 -19.14 -5.55
CA HIS D 202 -7.29 -19.81 -6.83
C HIS D 202 -8.78 -19.88 -7.11
N PRO D 203 -9.41 -18.74 -7.37
CA PRO D 203 -10.84 -18.57 -7.66
C PRO D 203 -11.72 -19.75 -8.17
N ALA D 204 -11.26 -20.44 -9.21
CA ALA D 204 -12.04 -21.55 -9.73
C ALA D 204 -11.70 -22.88 -9.05
N SER D 205 -11.44 -22.85 -7.77
CA SER D 205 -11.11 -24.06 -7.06
C SER D 205 -11.10 -23.56 -5.63
N SER D 206 -11.97 -22.56 -5.41
CA SER D 206 -12.20 -21.83 -4.15
C SER D 206 -11.21 -22.05 -2.99
N THR D 207 -9.97 -22.14 -3.43
CA THR D 207 -8.74 -22.33 -2.70
C THR D 207 -8.40 -20.97 -2.14
N LYS D 208 -7.85 -20.92 -0.93
CA LYS D 208 -7.47 -19.64 -0.31
C LYS D 208 -6.29 -19.94 0.58
N VAL D 209 -5.24 -20.53 0.03
CA VAL D 209 -4.13 -20.90 0.85
C VAL D 209 -3.33 -19.78 1.41
N ASP D 210 -2.60 -20.04 2.51
CA ASP D 210 -1.74 -19.05 3.18
C ASP D 210 -0.51 -19.77 3.76
N LYS D 211 0.66 -19.67 3.14
CA LYS D 211 1.83 -20.35 3.73
C LYS D 211 2.82 -19.37 4.31
N LYS D 212 2.96 -19.42 5.63
CA LYS D 212 3.91 -18.55 6.31
C LYS D 212 5.28 -19.15 6.06
N ILE D 213 6.22 -18.29 5.76
CA ILE D 213 7.57 -18.76 5.49
C ILE D 213 8.46 -18.61 6.68
N VAL D 214 8.62 -19.69 7.41
CA VAL D 214 9.55 -19.64 8.53
C VAL D 214 10.92 -19.96 7.91
N PRO D 215 12.00 -19.71 8.69
CA PRO D 215 13.41 -19.92 8.37
C PRO D 215 13.82 -21.39 8.51
N ARG D 216 14.53 -21.85 7.49
CA ARG D 216 14.98 -23.22 7.44
C ARG D 216 15.85 -23.58 8.61
N ASP D 217 15.83 -24.84 9.01
CA ASP D 217 16.64 -25.26 10.14
C ASP D 217 17.42 -26.54 9.81
N CYS D 218 18.69 -26.37 9.47
CA CYS D 218 19.56 -27.51 9.15
C CYS D 218 21.04 -27.12 8.86
#